data_1JGK
#
_entry.id   1JGK
#
_cell.length_a   ?
_cell.length_b   ?
_cell.length_c   ?
_cell.angle_alpha   ?
_cell.angle_beta   ?
_cell.angle_gamma   ?
#
_entity_poly.entity_id   1
_entity_poly.type   'polypeptide(L)'
_entity_poly.pdbx_seq_one_letter_code
;MKCKICNFDTCRAGELKVCASGEKYCFKESWREARGTRIERGCAATCPKGSVYGLYVLCCTTDDCN
;
_entity_poly.pdbx_strand_id   A
#
# COMPACT_ATOMS: atom_id res chain seq x y z
N MET A 1 12.89 7.79 7.96
CA MET A 1 11.55 7.73 7.29
C MET A 1 11.52 6.56 6.29
N LYS A 2 11.19 5.40 6.76
CA LYS A 2 11.13 4.22 5.86
C LYS A 2 9.72 3.63 5.83
N CYS A 3 9.50 2.60 5.05
CA CYS A 3 8.14 1.99 5.00
C CYS A 3 8.24 0.48 4.73
N LYS A 4 7.61 -0.32 5.54
CA LYS A 4 7.67 -1.79 5.34
C LYS A 4 6.60 -2.23 4.34
N ILE A 5 6.98 -2.93 3.31
CA ILE A 5 5.98 -3.38 2.29
C ILE A 5 5.75 -4.89 2.40
N CYS A 6 4.52 -5.30 2.48
CA CYS A 6 4.22 -6.76 2.58
C CYS A 6 2.77 -7.04 2.17
N ASN A 7 2.50 -8.22 1.72
CA ASN A 7 1.11 -8.55 1.29
C ASN A 7 0.30 -9.12 2.46
N PHE A 8 -0.74 -8.44 2.87
CA PHE A 8 -1.56 -8.95 4.00
C PHE A 8 -2.16 -10.31 3.66
N ASP A 9 -2.43 -11.12 4.64
CA ASP A 9 -3.01 -12.46 4.36
C ASP A 9 -2.02 -13.31 3.57
N THR A 10 -0.81 -12.86 3.45
CA THR A 10 0.21 -13.63 2.68
C THR A 10 1.53 -12.84 2.62
N CYS A 11 1.96 -12.31 3.74
CA CYS A 11 3.24 -11.54 3.75
C CYS A 11 4.35 -12.32 3.04
N ARG A 12 4.49 -12.13 1.76
CA ARG A 12 5.56 -12.85 1.02
C ARG A 12 6.72 -11.91 0.70
N ALA A 13 6.49 -10.64 0.81
CA ALA A 13 7.59 -9.66 0.53
C ALA A 13 8.21 -9.15 1.84
N GLY A 14 7.45 -8.45 2.63
CA GLY A 14 7.99 -7.94 3.91
C GLY A 14 9.28 -7.15 3.64
N GLU A 15 9.31 -6.39 2.57
CA GLU A 15 10.53 -5.60 2.25
C GLU A 15 10.31 -4.12 2.59
N LEU A 16 11.12 -3.57 3.45
CA LEU A 16 10.95 -2.13 3.81
C LEU A 16 11.94 -1.27 3.03
N LYS A 17 11.58 -0.05 2.75
CA LYS A 17 12.50 0.84 1.99
C LYS A 17 12.30 2.30 2.43
N VAL A 18 12.71 3.24 1.63
CA VAL A 18 12.54 4.66 2.02
C VAL A 18 11.76 5.42 0.94
N CYS A 19 10.98 6.39 1.34
CA CYS A 19 10.19 7.17 0.34
C CYS A 19 9.65 8.45 0.98
N ALA A 20 9.09 8.35 2.15
CA ALA A 20 8.56 9.57 2.82
C ALA A 20 9.68 10.56 3.11
N SER A 21 10.06 11.34 2.14
CA SER A 21 11.16 12.33 2.36
C SER A 21 10.59 13.73 2.59
N GLY A 22 9.32 13.91 2.33
CA GLY A 22 8.70 15.25 2.52
C GLY A 22 7.24 15.22 2.06
N GLU A 23 7.01 15.30 0.79
CA GLU A 23 5.62 15.27 0.27
C GLU A 23 5.31 13.90 -0.33
N LYS A 24 5.78 12.85 0.29
CA LYS A 24 5.52 11.48 -0.25
C LYS A 24 5.08 10.55 0.89
N TYR A 25 4.18 9.64 0.62
CA TYR A 25 3.72 8.70 1.68
C TYR A 25 3.58 7.29 1.11
N CYS A 26 3.29 6.33 1.94
CA CYS A 26 3.13 4.94 1.45
C CYS A 26 1.67 4.67 1.08
N PHE A 27 1.44 3.97 0.00
CA PHE A 27 0.03 3.70 -0.40
C PHE A 27 -0.23 2.18 -0.43
N LYS A 28 -1.15 1.72 0.37
CA LYS A 28 -1.47 0.26 0.38
C LYS A 28 -2.91 0.05 -0.04
N GLU A 29 -3.13 -0.76 -1.05
CA GLU A 29 -4.54 -0.99 -1.51
C GLU A 29 -4.79 -2.49 -1.73
N SER A 30 -5.98 -2.84 -2.11
CA SER A 30 -6.30 -4.28 -2.32
C SER A 30 -7.28 -4.43 -3.50
N TRP A 31 -6.84 -5.01 -4.58
CA TRP A 31 -7.75 -5.18 -5.75
C TRP A 31 -8.63 -6.40 -5.57
N ARG A 32 -9.87 -6.33 -5.98
CA ARG A 32 -10.77 -7.50 -5.83
C ARG A 32 -10.90 -8.25 -7.17
N GLU A 33 -11.37 -9.46 -7.13
CA GLU A 33 -11.52 -10.24 -8.39
C GLU A 33 -12.75 -11.15 -8.32
N ALA A 34 -12.67 -12.20 -7.55
CA ALA A 34 -13.84 -13.13 -7.43
C ALA A 34 -13.40 -14.41 -6.71
N ARG A 35 -12.14 -14.76 -6.81
CA ARG A 35 -11.66 -16.00 -6.13
C ARG A 35 -10.53 -15.66 -5.15
N GLY A 36 -10.22 -14.40 -5.00
CA GLY A 36 -9.13 -14.01 -4.05
C GLY A 36 -8.73 -12.56 -4.31
N THR A 37 -8.57 -11.79 -3.27
CA THR A 37 -8.18 -10.35 -3.46
C THR A 37 -6.65 -10.23 -3.46
N ARG A 38 -6.12 -9.19 -4.06
CA ARG A 38 -4.65 -9.02 -4.08
C ARG A 38 -4.26 -7.67 -3.47
N ILE A 39 -3.49 -7.68 -2.42
CA ILE A 39 -3.08 -6.40 -1.79
C ILE A 39 -1.83 -5.84 -2.47
N GLU A 40 -1.86 -4.60 -2.86
CA GLU A 40 -0.68 -3.99 -3.54
C GLU A 40 -0.07 -2.90 -2.67
N ARG A 41 1.22 -2.72 -2.73
CA ARG A 41 1.87 -1.66 -1.90
C ARG A 41 2.59 -0.65 -2.80
N GLY A 42 3.48 0.12 -2.24
CA GLY A 42 4.22 1.12 -3.06
C GLY A 42 4.17 2.48 -2.38
N CYS A 43 5.22 3.24 -2.46
CA CYS A 43 5.24 4.59 -1.82
C CYS A 43 5.24 5.69 -2.88
N ALA A 44 4.34 6.63 -2.78
CA ALA A 44 4.29 7.73 -3.78
C ALA A 44 3.53 8.93 -3.21
N ALA A 45 2.75 9.59 -4.03
CA ALA A 45 1.99 10.77 -3.54
C ALA A 45 0.57 10.75 -4.13
N THR A 46 0.19 9.66 -4.74
CA THR A 46 -1.17 9.58 -5.34
C THR A 46 -1.98 8.46 -4.66
N CYS A 47 -3.10 8.79 -4.08
CA CYS A 47 -3.92 7.75 -3.41
C CYS A 47 -5.30 7.66 -4.08
N PRO A 48 -5.34 6.96 -5.19
CA PRO A 48 -6.61 6.80 -5.94
C PRO A 48 -7.56 5.84 -5.20
N LYS A 49 -8.79 5.77 -5.64
CA LYS A 49 -9.76 4.86 -4.95
C LYS A 49 -10.32 3.83 -5.96
N GLY A 50 -11.49 3.33 -5.70
CA GLY A 50 -12.09 2.33 -6.63
C GLY A 50 -13.61 2.31 -6.46
N SER A 51 -14.27 1.37 -7.07
CA SER A 51 -15.76 1.29 -6.95
C SER A 51 -16.32 0.28 -7.95
N VAL A 52 -15.98 0.42 -9.20
CA VAL A 52 -16.50 -0.53 -10.22
C VAL A 52 -16.03 -1.95 -9.90
N TYR A 53 -14.98 -2.07 -9.13
CA TYR A 53 -14.48 -3.43 -8.77
C TYR A 53 -14.65 -3.67 -7.27
N GLY A 54 -14.16 -2.77 -6.46
CA GLY A 54 -14.31 -2.95 -4.99
C GLY A 54 -12.92 -3.14 -4.36
N LEU A 55 -11.96 -2.35 -4.76
CA LEU A 55 -10.60 -2.48 -4.18
C LEU A 55 -10.48 -1.64 -2.90
N TYR A 56 -9.52 -1.95 -2.07
CA TYR A 56 -9.35 -1.17 -0.82
C TYR A 56 -8.19 -0.19 -0.95
N VAL A 57 -8.30 0.97 -0.35
CA VAL A 57 -7.20 1.97 -0.43
C VAL A 57 -6.82 2.48 0.95
N LEU A 58 -5.55 2.57 1.25
CA LEU A 58 -5.12 3.07 2.58
C LEU A 58 -3.72 3.67 2.49
N CYS A 59 -3.60 4.94 2.73
CA CYS A 59 -2.25 5.59 2.66
C CYS A 59 -1.66 5.73 4.06
N CYS A 60 -0.39 5.99 4.17
CA CYS A 60 0.22 6.13 5.52
C CYS A 60 1.45 7.04 5.48
N THR A 61 1.81 7.61 6.61
CA THR A 61 2.99 8.50 6.66
C THR A 61 3.59 8.50 8.08
N THR A 62 4.86 8.79 8.20
CA THR A 62 5.50 8.83 9.55
C THR A 62 5.67 7.42 10.14
N ASP A 63 6.85 7.12 10.64
CA ASP A 63 7.11 5.78 11.25
C ASP A 63 6.52 4.65 10.39
N ASP A 64 7.34 3.97 9.64
CA ASP A 64 6.82 2.85 8.78
C ASP A 64 5.78 3.39 7.79
N CYS A 65 4.60 3.73 8.24
CA CYS A 65 3.57 4.27 7.32
C CYS A 65 4.20 5.28 6.35
N ASN A 66 5.31 5.87 6.71
CA ASN A 66 5.97 6.87 5.81
C ASN A 66 5.85 6.44 4.35
N MET A 1 12.10 7.24 10.06
CA MET A 1 11.18 7.47 8.92
C MET A 1 11.41 6.41 7.84
N LYS A 2 10.63 5.36 7.86
CA LYS A 2 10.81 4.28 6.85
C LYS A 2 9.44 3.82 6.32
N CYS A 3 9.38 2.68 5.70
CA CYS A 3 8.09 2.18 5.15
C CYS A 3 8.17 0.67 4.93
N LYS A 4 7.30 -0.08 5.57
CA LYS A 4 7.33 -1.56 5.38
C LYS A 4 6.62 -1.95 4.07
N ILE A 5 7.29 -2.66 3.21
CA ILE A 5 6.66 -3.07 1.93
C ILE A 5 6.32 -4.56 1.95
N CYS A 6 5.14 -4.92 1.53
CA CYS A 6 4.74 -6.35 1.52
C CYS A 6 3.40 -6.52 0.81
N ASN A 7 3.32 -7.44 -0.12
CA ASN A 7 2.04 -7.64 -0.86
C ASN A 7 1.83 -9.13 -1.17
N PHE A 8 1.12 -9.43 -2.23
CA PHE A 8 0.87 -10.86 -2.58
C PHE A 8 -0.13 -11.48 -1.60
N ASP A 9 -1.31 -10.91 -1.50
CA ASP A 9 -2.35 -11.46 -0.57
C ASP A 9 -2.00 -11.18 0.90
N THR A 10 -0.75 -11.34 1.28
CA THR A 10 -0.37 -11.07 2.69
C THR A 10 0.88 -10.18 2.75
N CYS A 11 1.83 -10.51 3.56
CA CYS A 11 3.07 -9.67 3.65
C CYS A 11 4.27 -10.53 4.02
N ARG A 12 4.50 -11.59 3.29
CA ARG A 12 5.66 -12.48 3.60
C ARG A 12 6.98 -11.77 3.28
N ALA A 13 6.94 -10.86 2.35
CA ALA A 13 8.18 -10.13 1.97
C ALA A 13 8.67 -9.30 3.17
N GLY A 14 7.83 -8.49 3.74
CA GLY A 14 8.25 -7.67 4.90
C GLY A 14 9.49 -6.85 4.53
N GLU A 15 9.54 -6.33 3.34
CA GLU A 15 10.72 -5.53 2.92
C GLU A 15 10.51 -4.06 3.26
N LEU A 16 10.99 -3.63 4.41
CA LEU A 16 10.82 -2.20 4.80
C LEU A 16 12.03 -1.38 4.36
N LYS A 17 11.79 -0.24 3.79
CA LYS A 17 12.93 0.62 3.34
C LYS A 17 12.60 2.09 3.61
N VAL A 18 13.14 2.99 2.83
CA VAL A 18 12.85 4.43 3.06
C VAL A 18 12.43 5.10 1.75
N CYS A 19 11.27 5.70 1.74
CA CYS A 19 10.80 6.38 0.49
C CYS A 19 9.89 7.55 0.85
N ALA A 20 9.07 7.40 1.86
CA ALA A 20 8.16 8.51 2.26
C ALA A 20 8.95 9.62 2.95
N SER A 21 9.68 10.39 2.21
CA SER A 21 10.48 11.49 2.83
C SER A 21 9.61 12.74 2.98
N GLY A 22 8.89 13.11 1.95
CA GLY A 22 8.02 14.33 2.04
C GLY A 22 6.99 14.29 0.92
N GLU A 23 7.43 14.32 -0.31
CA GLU A 23 6.46 14.28 -1.44
C GLU A 23 5.95 12.85 -1.67
N LYS A 24 6.68 11.87 -1.19
CA LYS A 24 6.24 10.46 -1.37
C LYS A 24 5.33 10.03 -0.21
N TYR A 25 4.47 9.09 -0.44
CA TYR A 25 3.56 8.63 0.65
C TYR A 25 3.40 7.12 0.63
N CYS A 26 3.56 6.47 1.74
CA CYS A 26 3.40 4.99 1.77
C CYS A 26 1.97 4.64 1.38
N PHE A 27 1.77 4.13 0.18
CA PHE A 27 0.38 3.80 -0.24
C PHE A 27 0.16 2.30 -0.30
N LYS A 28 -1.06 1.88 -0.07
CA LYS A 28 -1.38 0.42 -0.13
C LYS A 28 -2.64 0.23 -0.97
N GLU A 29 -2.56 -0.53 -2.03
CA GLU A 29 -3.76 -0.73 -2.89
C GLU A 29 -4.18 -2.21 -2.93
N SER A 30 -5.45 -2.46 -2.81
CA SER A 30 -5.94 -3.87 -2.85
C SER A 30 -7.19 -3.95 -3.73
N TRP A 31 -7.36 -5.03 -4.44
CA TRP A 31 -8.55 -5.14 -5.33
C TRP A 31 -9.27 -6.47 -5.09
N ARG A 32 -10.57 -6.49 -5.24
CA ARG A 32 -11.34 -7.75 -5.03
C ARG A 32 -11.28 -8.64 -6.27
N GLU A 33 -11.29 -9.93 -6.09
CA GLU A 33 -11.24 -10.85 -7.26
C GLU A 33 -12.29 -11.96 -7.11
N ALA A 34 -12.22 -12.96 -7.94
CA ALA A 34 -13.21 -14.07 -7.85
C ALA A 34 -12.64 -15.22 -7.02
N ARG A 35 -11.39 -15.13 -6.64
CA ARG A 35 -10.78 -16.23 -5.83
C ARG A 35 -10.34 -15.68 -4.47
N GLY A 36 -10.37 -14.39 -4.30
CA GLY A 36 -9.95 -13.81 -2.99
C GLY A 36 -9.71 -12.31 -3.17
N THR A 37 -8.61 -11.80 -2.66
CA THR A 37 -8.32 -10.35 -2.80
C THR A 37 -6.82 -10.12 -3.00
N ARG A 38 -6.47 -9.23 -3.88
CA ARG A 38 -5.02 -8.96 -4.13
C ARG A 38 -4.59 -7.67 -3.44
N ILE A 39 -3.36 -7.59 -3.02
CA ILE A 39 -2.88 -6.36 -2.33
C ILE A 39 -1.51 -5.95 -2.86
N GLU A 40 -1.18 -4.69 -2.78
CA GLU A 40 0.15 -4.22 -3.28
C GLU A 40 0.61 -3.00 -2.47
N ARG A 41 1.83 -3.00 -2.00
CA ARG A 41 2.32 -1.84 -1.23
C ARG A 41 3.41 -1.10 -2.01
N GLY A 42 3.70 0.11 -1.64
CA GLY A 42 4.75 0.89 -2.36
C GLY A 42 4.75 2.34 -1.86
N CYS A 43 5.46 3.21 -2.53
CA CYS A 43 5.50 4.64 -2.09
C CYS A 43 5.10 5.56 -3.24
N ALA A 44 4.06 6.32 -3.07
CA ALA A 44 3.61 7.24 -4.14
C ALA A 44 2.77 8.38 -3.55
N ALA A 45 2.15 9.17 -4.39
CA ALA A 45 1.31 10.29 -3.87
C ALA A 45 -0.10 10.21 -4.43
N THR A 46 -0.33 9.35 -5.38
CA THR A 46 -1.69 9.23 -5.97
C THR A 46 -2.70 8.87 -4.88
N CYS A 47 -2.62 7.68 -4.33
CA CYS A 47 -3.58 7.28 -3.27
C CYS A 47 -5.02 7.52 -3.73
N PRO A 48 -5.39 6.82 -4.77
CA PRO A 48 -6.76 6.96 -5.32
C PRO A 48 -7.78 6.27 -4.40
N LYS A 49 -8.96 6.02 -4.89
CA LYS A 49 -9.99 5.35 -4.04
C LYS A 49 -10.41 4.02 -4.66
N GLY A 50 -11.67 3.69 -4.59
CA GLY A 50 -12.14 2.41 -5.17
C GLY A 50 -13.48 2.62 -5.88
N SER A 51 -14.13 1.57 -6.29
CA SER A 51 -15.44 1.71 -6.98
C SER A 51 -16.37 0.56 -6.60
N VAL A 52 -17.51 0.47 -7.23
CA VAL A 52 -18.45 -0.64 -6.90
C VAL A 52 -17.70 -1.96 -6.77
N TYR A 53 -16.63 -2.12 -7.50
CA TYR A 53 -15.84 -3.38 -7.42
C TYR A 53 -15.37 -3.62 -5.98
N GLY A 54 -14.52 -2.76 -5.47
CA GLY A 54 -14.03 -2.94 -4.08
C GLY A 54 -12.51 -2.71 -4.05
N LEU A 55 -12.06 -1.54 -4.38
CA LEU A 55 -10.60 -1.25 -4.36
C LEU A 55 -10.19 -0.64 -3.03
N TYR A 56 -9.42 -1.35 -2.24
CA TYR A 56 -8.98 -0.80 -0.93
C TYR A 56 -7.64 -0.09 -1.08
N VAL A 57 -7.65 1.20 -1.27
CA VAL A 57 -6.37 1.95 -1.43
C VAL A 57 -6.15 2.89 -0.24
N LEU A 58 -4.93 3.14 0.12
CA LEU A 58 -4.67 4.06 1.26
C LEU A 58 -3.27 4.66 1.16
N CYS A 59 -3.01 5.73 1.86
CA CYS A 59 -1.66 6.37 1.81
C CYS A 59 -1.30 6.94 3.18
N CYS A 60 -0.04 6.98 3.51
CA CYS A 60 0.37 7.53 4.83
C CYS A 60 1.84 7.94 4.82
N THR A 61 2.38 8.26 5.97
CA THR A 61 3.81 8.67 6.05
C THR A 61 4.69 7.44 6.26
N THR A 62 5.89 7.64 6.73
CA THR A 62 6.82 6.49 6.96
C THR A 62 6.21 5.50 7.96
N ASP A 63 6.96 4.50 8.35
CA ASP A 63 6.47 3.47 9.32
C ASP A 63 4.96 3.27 9.16
N ASP A 64 4.54 2.67 8.08
CA ASP A 64 3.08 2.45 7.84
C ASP A 64 2.32 3.78 7.84
N CYS A 65 2.15 4.40 8.99
CA CYS A 65 1.43 5.71 9.03
C CYS A 65 2.20 6.69 9.92
N ASN A 66 3.49 6.52 10.02
CA ASN A 66 4.32 7.42 10.87
C ASN A 66 3.89 8.88 10.69
N MET A 1 12.06 6.84 9.06
CA MET A 1 10.95 5.83 9.00
C MET A 1 11.12 4.95 7.77
N LYS A 2 10.26 3.98 7.60
CA LYS A 2 10.36 3.07 6.43
C LYS A 2 8.98 2.55 6.03
N CYS A 3 8.87 1.94 4.90
CA CYS A 3 7.56 1.40 4.45
C CYS A 3 7.73 -0.02 3.93
N LYS A 4 7.26 -1.00 4.65
CA LYS A 4 7.41 -2.42 4.20
C LYS A 4 6.36 -2.75 3.14
N ILE A 5 6.79 -3.13 1.97
CA ILE A 5 5.82 -3.48 0.89
C ILE A 5 5.63 -5.00 0.81
N CYS A 6 4.41 -5.45 0.74
CA CYS A 6 4.16 -6.92 0.65
C CYS A 6 2.75 -7.18 0.11
N ASN A 7 2.42 -8.42 -0.15
CA ASN A 7 1.06 -8.74 -0.67
C ASN A 7 0.04 -8.81 0.47
N PHE A 8 0.45 -8.44 1.66
CA PHE A 8 -0.49 -8.49 2.82
C PHE A 8 -1.10 -9.88 2.97
N ASP A 9 -1.47 -10.25 4.16
CA ASP A 9 -2.07 -11.60 4.39
C ASP A 9 -1.02 -12.72 4.23
N THR A 10 -0.16 -12.63 3.26
CA THR A 10 0.87 -13.70 3.08
C THR A 10 2.22 -13.05 2.73
N CYS A 11 2.54 -11.95 3.35
CA CYS A 11 3.83 -11.27 3.05
C CYS A 11 4.10 -10.18 4.09
N ARG A 12 5.26 -10.20 4.70
CA ARG A 12 5.59 -9.16 5.72
C ARG A 12 6.60 -8.16 5.16
N ALA A 13 7.86 -8.40 5.36
CA ALA A 13 8.89 -7.46 4.83
C ALA A 13 9.49 -7.99 3.53
N GLY A 14 8.80 -7.84 2.44
CA GLY A 14 9.34 -8.35 1.15
C GLY A 14 10.00 -7.20 0.39
N GLU A 15 9.43 -6.02 0.47
CA GLU A 15 10.04 -4.86 -0.23
C GLU A 15 9.87 -3.60 0.61
N LEU A 16 10.64 -3.46 1.66
CA LEU A 16 10.52 -2.25 2.52
C LEU A 16 11.48 -1.15 2.05
N LYS A 17 11.08 0.08 2.15
CA LYS A 17 11.96 1.20 1.71
C LYS A 17 11.77 2.40 2.65
N VAL A 18 11.89 3.59 2.14
CA VAL A 18 11.73 4.79 3.00
C VAL A 18 10.71 5.75 2.39
N CYS A 19 9.80 6.25 3.18
CA CYS A 19 8.78 7.19 2.64
C CYS A 19 8.36 8.19 3.71
N ALA A 20 7.40 9.03 3.43
CA ALA A 20 6.95 10.03 4.44
C ALA A 20 8.14 10.82 4.97
N SER A 21 9.18 10.96 4.18
CA SER A 21 10.37 11.72 4.64
C SER A 21 10.39 13.11 4.00
N GLY A 22 10.01 13.21 2.76
CA GLY A 22 10.00 14.53 2.08
C GLY A 22 8.59 14.85 1.57
N GLU A 23 8.33 14.59 0.33
CA GLU A 23 6.96 14.88 -0.22
C GLU A 23 6.37 13.62 -0.86
N LYS A 24 6.25 12.57 -0.11
CA LYS A 24 5.67 11.31 -0.67
C LYS A 24 5.15 10.41 0.45
N TYR A 25 4.39 9.41 0.11
CA TYR A 25 3.85 8.50 1.16
C TYR A 25 3.61 7.10 0.60
N CYS A 26 3.12 6.18 1.40
CA CYS A 26 2.87 4.81 0.89
C CYS A 26 1.36 4.55 0.77
N PHE A 27 0.93 4.06 -0.35
CA PHE A 27 -0.54 3.80 -0.52
C PHE A 27 -0.80 2.29 -0.67
N LYS A 28 -1.57 1.73 0.21
CA LYS A 28 -1.87 0.27 0.12
C LYS A 28 -3.12 0.05 -0.73
N GLU A 29 -3.01 -0.72 -1.79
CA GLU A 29 -4.20 -0.96 -2.66
C GLU A 29 -4.60 -2.44 -2.62
N SER A 30 -5.79 -2.72 -2.17
CA SER A 30 -6.24 -4.14 -2.11
C SER A 30 -7.32 -4.40 -3.17
N TRP A 31 -6.97 -5.12 -4.20
CA TRP A 31 -7.97 -5.41 -5.28
C TRP A 31 -8.90 -6.55 -4.85
N ARG A 32 -10.18 -6.31 -4.87
CA ARG A 32 -11.14 -7.37 -4.46
C ARG A 32 -11.75 -8.04 -5.71
N GLU A 33 -11.47 -9.29 -5.92
CA GLU A 33 -12.02 -9.98 -7.11
C GLU A 33 -12.96 -11.11 -6.69
N ALA A 34 -13.38 -11.93 -7.62
CA ALA A 34 -14.30 -13.06 -7.27
C ALA A 34 -13.51 -14.35 -7.09
N ARG A 35 -12.21 -14.31 -7.28
CA ARG A 35 -11.39 -15.54 -7.12
C ARG A 35 -10.37 -15.35 -6.00
N GLY A 36 -10.01 -14.14 -5.70
CA GLY A 36 -9.02 -13.89 -4.62
C GLY A 36 -8.57 -12.42 -4.64
N THR A 37 -8.74 -11.74 -3.55
CA THR A 37 -8.32 -10.30 -3.52
C THR A 37 -6.82 -10.20 -3.30
N ARG A 38 -6.19 -9.21 -3.88
CA ARG A 38 -4.72 -9.07 -3.71
C ARG A 38 -4.39 -7.69 -3.13
N ILE A 39 -3.17 -7.49 -2.69
CA ILE A 39 -2.79 -6.17 -2.11
C ILE A 39 -1.39 -5.76 -2.57
N GLU A 40 -1.19 -4.51 -2.86
CA GLU A 40 0.15 -4.05 -3.31
C GLU A 40 0.49 -2.70 -2.67
N ARG A 41 1.73 -2.51 -2.30
CA ARG A 41 2.11 -1.22 -1.67
C ARG A 41 3.13 -0.47 -2.56
N GLY A 42 3.80 0.50 -2.02
CA GLY A 42 4.79 1.27 -2.83
C GLY A 42 4.84 2.71 -2.36
N CYS A 43 6.01 3.26 -2.18
CA CYS A 43 6.12 4.67 -1.72
C CYS A 43 6.05 5.63 -2.92
N ALA A 44 4.97 6.35 -3.04
CA ALA A 44 4.84 7.31 -4.17
C ALA A 44 3.84 8.42 -3.83
N ALA A 45 3.20 8.99 -4.82
CA ALA A 45 2.22 10.07 -4.54
C ALA A 45 0.95 9.86 -5.38
N THR A 46 0.76 8.68 -5.89
CA THR A 46 -0.44 8.40 -6.71
C THR A 46 -1.68 8.34 -5.83
N CYS A 47 -1.63 7.56 -4.78
CA CYS A 47 -2.81 7.46 -3.87
C CYS A 47 -4.10 7.35 -4.68
N PRO A 48 -4.23 6.25 -5.37
CA PRO A 48 -5.42 6.00 -6.22
C PRO A 48 -6.64 5.71 -5.34
N LYS A 49 -7.74 5.33 -5.95
CA LYS A 49 -8.97 5.03 -5.15
C LYS A 49 -9.67 3.80 -5.72
N GLY A 50 -10.92 3.61 -5.37
CA GLY A 50 -11.65 2.42 -5.90
C GLY A 50 -13.16 2.62 -5.71
N SER A 51 -13.91 1.56 -5.75
CA SER A 51 -15.39 1.69 -5.57
C SER A 51 -16.00 0.32 -5.30
N VAL A 52 -17.22 0.11 -5.72
CA VAL A 52 -17.87 -1.21 -5.48
C VAL A 52 -17.04 -2.33 -6.14
N TYR A 53 -16.19 -1.97 -7.07
CA TYR A 53 -15.36 -3.01 -7.74
C TYR A 53 -14.54 -3.78 -6.71
N GLY A 54 -13.82 -3.09 -5.86
CA GLY A 54 -13.01 -3.78 -4.83
C GLY A 54 -11.58 -3.23 -4.85
N LEU A 55 -11.40 -2.01 -4.40
CA LEU A 55 -10.04 -1.42 -4.39
C LEU A 55 -9.82 -0.63 -3.10
N TYR A 56 -9.16 -1.23 -2.13
CA TYR A 56 -8.91 -0.52 -0.84
C TYR A 56 -7.61 0.29 -0.92
N VAL A 57 -7.69 1.59 -1.01
CA VAL A 57 -6.45 2.41 -1.08
C VAL A 57 -6.18 3.08 0.26
N LEU A 58 -4.99 2.96 0.77
CA LEU A 58 -4.67 3.59 2.08
C LEU A 58 -3.31 4.29 2.02
N CYS A 59 -3.32 5.58 1.85
CA CYS A 59 -2.03 6.34 1.77
C CYS A 59 -1.63 6.84 3.17
N CYS A 60 -0.45 6.53 3.61
CA CYS A 60 -0.01 7.01 4.96
C CYS A 60 1.39 7.63 4.88
N THR A 61 1.75 8.42 5.85
CA THR A 61 3.09 9.05 5.84
C THR A 61 3.58 9.28 7.27
N THR A 62 3.68 8.23 8.05
CA THR A 62 4.16 8.39 9.46
C THR A 62 5.00 7.18 9.88
N ASP A 63 4.39 6.04 9.99
CA ASP A 63 5.15 4.82 10.40
C ASP A 63 4.65 3.59 9.65
N ASP A 64 5.53 2.69 9.28
CA ASP A 64 5.11 1.46 8.53
C ASP A 64 4.37 1.82 7.24
N CYS A 65 3.15 2.29 7.32
CA CYS A 65 2.40 2.66 6.09
C CYS A 65 2.91 4.01 5.56
N ASN A 66 3.84 4.62 6.26
CA ASN A 66 4.37 5.94 5.81
C ASN A 66 4.77 5.88 4.33
N MET A 1 10.52 4.51 11.63
CA MET A 1 9.31 4.66 10.77
C MET A 1 9.67 4.40 9.30
N LYS A 2 9.31 3.25 8.79
CA LYS A 2 9.64 2.94 7.36
C LYS A 2 8.41 2.34 6.66
N CYS A 3 8.50 2.12 5.38
CA CYS A 3 7.34 1.54 4.65
C CYS A 3 7.55 0.05 4.39
N LYS A 4 6.80 -0.79 5.05
CA LYS A 4 6.95 -2.26 4.85
C LYS A 4 6.03 -2.74 3.72
N ILE A 5 6.61 -3.36 2.72
CA ILE A 5 5.77 -3.86 1.59
C ILE A 5 5.53 -5.36 1.74
N CYS A 6 4.31 -5.74 1.98
CA CYS A 6 3.99 -7.19 2.14
C CYS A 6 3.22 -7.70 0.92
N ASN A 7 2.68 -8.89 1.00
CA ASN A 7 1.92 -9.43 -0.16
C ASN A 7 1.41 -10.85 0.14
N PHE A 8 0.66 -11.41 -0.77
CA PHE A 8 0.12 -12.78 -0.56
C PHE A 8 -0.74 -12.84 0.71
N ASP A 9 -1.77 -12.05 0.77
CA ASP A 9 -2.66 -12.07 1.97
C ASP A 9 -1.85 -11.96 3.26
N THR A 10 -0.64 -11.48 3.18
CA THR A 10 0.19 -11.37 4.41
C THR A 10 1.55 -10.75 4.09
N CYS A 11 2.52 -10.97 4.94
CA CYS A 11 3.87 -10.40 4.68
C CYS A 11 4.85 -11.50 4.27
N ARG A 12 4.68 -12.06 3.10
CA ARG A 12 5.61 -13.15 2.65
C ARG A 12 6.83 -12.53 1.98
N ALA A 13 6.74 -11.29 1.59
CA ALA A 13 7.90 -10.63 0.93
C ALA A 13 8.69 -9.80 1.94
N GLY A 14 8.01 -9.17 2.86
CA GLY A 14 8.71 -8.36 3.89
C GLY A 14 9.63 -7.34 3.21
N GLU A 15 9.19 -6.75 2.13
CA GLU A 15 10.05 -5.76 1.43
C GLU A 15 9.81 -4.36 2.01
N LEU A 16 10.42 -4.06 3.12
CA LEU A 16 10.23 -2.71 3.73
C LEU A 16 11.39 -1.79 3.37
N LYS A 17 11.12 -0.53 3.14
CA LYS A 17 12.21 0.43 2.79
C LYS A 17 11.86 1.81 3.37
N VAL A 18 12.27 2.85 2.70
CA VAL A 18 11.97 4.21 3.22
C VAL A 18 11.73 5.18 2.05
N CYS A 19 10.92 6.18 2.25
CA CYS A 19 10.66 7.15 1.15
C CYS A 19 9.89 8.36 1.68
N ALA A 20 9.09 8.98 0.86
CA ALA A 20 8.32 10.17 1.32
C ALA A 20 9.24 11.15 2.06
N SER A 21 10.51 11.12 1.75
CA SER A 21 11.45 12.05 2.42
C SER A 21 10.86 13.46 2.50
N GLY A 22 10.04 13.81 1.56
CA GLY A 22 9.42 15.17 1.57
C GLY A 22 8.77 15.46 0.22
N GLU A 23 7.64 14.87 -0.05
CA GLU A 23 6.96 15.10 -1.34
C GLU A 23 5.78 14.14 -1.50
N LYS A 24 6.04 12.86 -1.55
CA LYS A 24 4.93 11.88 -1.70
C LYS A 24 4.77 11.07 -0.41
N TYR A 25 3.72 10.31 -0.30
CA TYR A 25 3.51 9.50 0.94
C TYR A 25 3.42 8.01 0.58
N CYS A 26 3.39 7.16 1.58
CA CYS A 26 3.30 5.70 1.29
C CYS A 26 1.86 5.32 0.91
N PHE A 27 1.69 4.50 -0.09
CA PHE A 27 0.32 4.11 -0.50
C PHE A 27 0.16 2.59 -0.53
N LYS A 28 -0.97 2.10 -0.11
CA LYS A 28 -1.21 0.63 -0.11
C LYS A 28 -2.61 0.34 -0.66
N GLU A 29 -2.70 -0.32 -1.79
CA GLU A 29 -4.04 -0.61 -2.36
C GLU A 29 -4.31 -2.12 -2.37
N SER A 30 -5.54 -2.50 -2.18
CA SER A 30 -5.88 -3.95 -2.18
C SER A 30 -6.97 -4.23 -3.22
N TRP A 31 -6.69 -5.06 -4.18
CA TRP A 31 -7.70 -5.36 -5.23
C TRP A 31 -8.64 -6.48 -4.75
N ARG A 32 -9.91 -6.37 -5.06
CA ARG A 32 -10.87 -7.42 -4.63
C ARG A 32 -11.47 -8.12 -5.85
N GLU A 33 -11.07 -9.34 -6.10
CA GLU A 33 -11.62 -10.07 -7.28
C GLU A 33 -12.54 -11.21 -6.82
N ALA A 34 -13.12 -11.92 -7.74
CA ALA A 34 -14.02 -13.05 -7.36
C ALA A 34 -13.21 -14.31 -7.08
N ARG A 35 -12.03 -14.39 -7.61
CA ARG A 35 -11.18 -15.60 -7.38
C ARG A 35 -10.36 -15.44 -6.09
N GLY A 36 -10.29 -14.23 -5.58
CA GLY A 36 -9.51 -14.00 -4.33
C GLY A 36 -9.27 -12.51 -4.15
N THR A 37 -8.20 -12.14 -3.48
CA THR A 37 -7.92 -10.70 -3.28
C THR A 37 -6.41 -10.44 -3.38
N ARG A 38 -6.04 -9.33 -3.97
CA ARG A 38 -4.59 -9.01 -4.10
C ARG A 38 -4.27 -7.70 -3.39
N ILE A 39 -3.02 -7.39 -3.19
CA ILE A 39 -2.66 -6.13 -2.50
C ILE A 39 -1.23 -5.69 -2.89
N GLU A 40 -0.97 -4.41 -2.81
CA GLU A 40 0.39 -3.91 -3.16
C GLU A 40 0.65 -2.58 -2.45
N ARG A 41 1.87 -2.32 -2.05
CA ARG A 41 2.17 -1.05 -1.36
C ARG A 41 3.40 -0.37 -1.98
N GLY A 42 3.71 0.81 -1.53
CA GLY A 42 4.89 1.54 -2.09
C GLY A 42 4.77 3.03 -1.76
N CYS A 43 5.51 3.86 -2.44
CA CYS A 43 5.43 5.33 -2.16
C CYS A 43 4.83 6.06 -3.38
N ALA A 44 3.74 6.75 -3.18
CA ALA A 44 3.11 7.49 -4.31
C ALA A 44 2.55 8.83 -3.83
N ALA A 45 1.86 9.53 -4.68
CA ALA A 45 1.29 10.85 -4.27
C ALA A 45 -0.18 10.94 -4.70
N THR A 46 -0.78 9.83 -4.99
CA THR A 46 -2.21 9.85 -5.41
C THR A 46 -3.09 9.19 -4.36
N CYS A 47 -2.83 7.95 -4.04
CA CYS A 47 -3.66 7.25 -3.01
C CYS A 47 -5.14 7.35 -3.38
N PRO A 48 -5.45 6.95 -4.58
CA PRO A 48 -6.85 7.00 -5.06
C PRO A 48 -7.68 5.90 -4.40
N LYS A 49 -8.98 5.98 -4.48
CA LYS A 49 -9.84 4.94 -3.86
C LYS A 49 -10.39 4.00 -4.93
N GLY A 50 -11.35 3.18 -4.59
CA GLY A 50 -11.92 2.24 -5.60
C GLY A 50 -13.43 2.20 -5.47
N SER A 51 -14.08 1.32 -6.18
CA SER A 51 -15.57 1.22 -6.10
C SER A 51 -16.08 0.10 -7.01
N VAL A 52 -15.62 0.07 -8.22
CA VAL A 52 -16.09 -1.00 -9.17
C VAL A 52 -15.89 -2.38 -8.54
N TYR A 53 -14.68 -2.77 -8.26
CA TYR A 53 -14.43 -4.09 -7.65
C TYR A 53 -14.24 -3.95 -6.14
N GLY A 54 -13.85 -2.79 -5.69
CA GLY A 54 -13.64 -2.59 -4.22
C GLY A 54 -12.14 -2.54 -3.94
N LEU A 55 -11.50 -1.45 -4.24
CA LEU A 55 -10.03 -1.34 -4.01
C LEU A 55 -9.75 -0.74 -2.63
N TYR A 56 -9.19 -1.50 -1.74
CA TYR A 56 -8.89 -0.97 -0.38
C TYR A 56 -7.60 -0.14 -0.43
N VAL A 57 -7.72 1.15 -0.49
CA VAL A 57 -6.50 2.01 -0.54
C VAL A 57 -6.17 2.60 0.83
N LEU A 58 -4.91 2.76 1.13
CA LEU A 58 -4.51 3.33 2.44
C LEU A 58 -3.09 3.87 2.36
N CYS A 59 -2.89 5.14 2.58
CA CYS A 59 -1.52 5.72 2.50
C CYS A 59 -1.21 6.54 3.76
N CYS A 60 0.05 6.77 4.02
CA CYS A 60 0.41 7.57 5.23
C CYS A 60 1.53 8.56 4.89
N THR A 61 1.60 9.65 5.58
CA THR A 61 2.67 10.65 5.31
C THR A 61 3.99 10.20 5.96
N THR A 62 5.05 10.91 5.70
CA THR A 62 6.36 10.53 6.30
C THR A 62 6.79 9.14 5.80
N ASP A 63 6.09 8.10 6.20
CA ASP A 63 6.47 6.74 5.73
C ASP A 63 5.72 5.66 6.53
N ASP A 64 4.68 5.09 5.96
CA ASP A 64 3.94 4.02 6.68
C ASP A 64 3.31 4.52 8.00
N CYS A 65 4.13 4.82 9.00
CA CYS A 65 3.64 5.29 10.34
C CYS A 65 3.43 4.08 11.25
N ASN A 66 4.30 3.12 11.16
CA ASN A 66 4.18 1.90 12.00
C ASN A 66 4.12 2.29 13.48
N MET A 1 13.75 7.25 6.72
CA MET A 1 12.55 6.41 7.05
C MET A 1 12.39 5.30 6.02
N LYS A 2 11.62 4.29 6.34
CA LYS A 2 11.43 3.18 5.38
C LYS A 2 9.97 2.69 5.42
N CYS A 3 9.53 2.01 4.39
CA CYS A 3 8.13 1.50 4.37
C CYS A 3 8.13 -0.01 4.16
N LYS A 4 7.75 -0.75 5.17
CA LYS A 4 7.73 -2.24 5.03
C LYS A 4 6.48 -2.70 4.29
N ILE A 5 6.61 -3.67 3.42
CA ILE A 5 5.42 -4.16 2.66
C ILE A 5 5.46 -5.69 2.56
N CYS A 6 4.32 -6.30 2.35
CA CYS A 6 4.28 -7.79 2.25
C CYS A 6 2.96 -8.23 1.60
N ASN A 7 2.87 -9.46 1.17
CA ASN A 7 1.63 -9.95 0.52
C ASN A 7 0.41 -9.70 1.43
N PHE A 8 -0.68 -10.34 1.13
CA PHE A 8 -1.92 -10.14 1.96
C PHE A 8 -1.75 -10.75 3.35
N ASP A 9 -1.12 -10.04 4.25
CA ASP A 9 -0.94 -10.56 5.64
C ASP A 9 -0.29 -11.94 5.61
N THR A 10 0.30 -12.31 4.50
CA THR A 10 0.96 -13.65 4.43
C THR A 10 2.47 -13.46 4.25
N CYS A 11 2.97 -12.32 4.61
CA CYS A 11 4.43 -12.06 4.46
C CYS A 11 4.91 -11.13 5.58
N ARG A 12 5.95 -11.52 6.27
CA ARG A 12 6.47 -10.66 7.38
C ARG A 12 7.37 -9.58 6.78
N ALA A 13 7.46 -8.44 7.44
CA ALA A 13 8.31 -7.31 6.94
C ALA A 13 9.45 -7.81 6.05
N GLY A 14 9.21 -7.95 4.78
CA GLY A 14 10.26 -8.43 3.86
C GLY A 14 10.40 -7.45 2.69
N GLU A 15 9.35 -6.76 2.34
CA GLU A 15 9.45 -5.80 1.21
C GLU A 15 9.48 -4.36 1.75
N LEU A 16 10.55 -4.00 2.41
CA LEU A 16 10.64 -2.62 2.98
C LEU A 16 11.53 -1.75 2.10
N LYS A 17 11.14 -0.52 1.88
CA LYS A 17 11.96 0.39 1.04
C LYS A 17 12.03 1.79 1.67
N VAL A 18 12.41 2.78 0.93
CA VAL A 18 12.51 4.15 1.49
C VAL A 18 11.79 5.15 0.59
N CYS A 19 11.21 6.17 1.17
CA CYS A 19 10.48 7.19 0.35
C CYS A 19 9.99 8.32 1.25
N ALA A 20 9.55 8.01 2.42
CA ALA A 20 9.05 9.08 3.35
C ALA A 20 10.17 10.05 3.69
N SER A 21 10.43 11.00 2.84
CA SER A 21 11.51 11.99 3.11
C SER A 21 10.93 13.41 3.11
N GLY A 22 10.00 13.69 2.25
CA GLY A 22 9.40 15.05 2.21
C GLY A 22 7.87 14.93 2.09
N GLU A 23 7.36 14.95 0.89
CA GLU A 23 5.88 14.84 0.71
C GLU A 23 5.53 13.56 -0.04
N LYS A 24 5.63 12.43 0.61
CA LYS A 24 5.30 11.15 -0.07
C LYS A 24 4.77 10.14 0.95
N TYR A 25 3.55 9.68 0.78
CA TYR A 25 2.99 8.70 1.75
C TYR A 25 2.89 7.31 1.11
N CYS A 26 3.09 6.27 1.89
CA CYS A 26 3.00 4.90 1.32
C CYS A 26 1.52 4.57 1.05
N PHE A 27 1.18 4.28 -0.17
CA PHE A 27 -0.24 3.96 -0.49
C PHE A 27 -0.47 2.47 -0.53
N LYS A 28 -1.50 2.00 0.14
CA LYS A 28 -1.79 0.54 0.15
C LYS A 28 -3.06 0.28 -0.65
N GLU A 29 -2.93 -0.41 -1.76
CA GLU A 29 -4.14 -0.69 -2.59
C GLU A 29 -4.49 -2.18 -2.56
N SER A 30 -5.75 -2.49 -2.42
CA SER A 30 -6.16 -3.93 -2.39
C SER A 30 -7.22 -4.20 -3.45
N TRP A 31 -6.89 -4.98 -4.44
CA TRP A 31 -7.88 -5.28 -5.52
C TRP A 31 -8.69 -6.53 -5.16
N ARG A 32 -9.98 -6.38 -5.00
CA ARG A 32 -10.82 -7.56 -4.64
C ARG A 32 -11.34 -8.25 -5.91
N GLU A 33 -10.56 -9.14 -6.47
CA GLU A 33 -11.00 -9.84 -7.70
C GLU A 33 -12.27 -10.65 -7.42
N ALA A 34 -13.21 -10.63 -8.32
CA ALA A 34 -14.47 -11.41 -8.11
C ALA A 34 -14.14 -12.85 -7.71
N ARG A 35 -13.06 -13.38 -8.22
CA ARG A 35 -12.69 -14.78 -7.86
C ARG A 35 -11.30 -14.81 -7.23
N GLY A 36 -10.96 -13.81 -6.46
CA GLY A 36 -9.62 -13.78 -5.80
C GLY A 36 -9.33 -12.37 -5.30
N THR A 37 -8.11 -12.11 -4.93
CA THR A 37 -7.76 -10.74 -4.42
C THR A 37 -6.26 -10.48 -4.57
N ARG A 38 -5.88 -9.25 -4.75
CA ARG A 38 -4.43 -8.93 -4.89
C ARG A 38 -4.09 -7.65 -4.11
N ILE A 39 -3.15 -7.72 -3.22
CA ILE A 39 -2.78 -6.51 -2.43
C ILE A 39 -1.46 -5.91 -2.94
N GLU A 40 -1.44 -4.64 -3.19
CA GLU A 40 -0.20 -4.00 -3.70
C GLU A 40 0.11 -2.73 -2.89
N ARG A 41 1.36 -2.46 -2.63
CA ARG A 41 1.71 -1.24 -1.85
C ARG A 41 2.77 -0.43 -2.59
N GLY A 42 3.06 0.75 -2.11
CA GLY A 42 4.10 1.59 -2.79
C GLY A 42 4.13 2.97 -2.14
N CYS A 43 4.63 3.95 -2.83
CA CYS A 43 4.71 5.33 -2.25
C CYS A 43 4.21 6.36 -3.28
N ALA A 44 3.32 7.22 -2.87
CA ALA A 44 2.80 8.26 -3.82
C ALA A 44 2.20 9.44 -3.05
N ALA A 45 1.52 10.31 -3.74
CA ALA A 45 0.92 11.49 -3.05
C ALA A 45 -0.57 11.60 -3.39
N THR A 46 -1.00 10.99 -4.46
CA THR A 46 -2.45 11.06 -4.83
C THR A 46 -3.14 9.72 -4.56
N CYS A 47 -4.17 9.73 -3.78
CA CYS A 47 -4.89 8.46 -3.47
C CYS A 47 -6.24 8.40 -4.20
N PRO A 48 -6.29 7.60 -5.22
CA PRO A 48 -7.53 7.44 -6.01
C PRO A 48 -8.55 6.61 -5.23
N LYS A 49 -9.59 6.17 -5.89
CA LYS A 49 -10.62 5.35 -5.17
C LYS A 49 -10.79 4.00 -5.88
N GLY A 50 -11.93 3.38 -5.72
CA GLY A 50 -12.17 2.07 -6.39
C GLY A 50 -13.59 2.02 -6.95
N SER A 51 -14.16 0.85 -7.05
CA SER A 51 -15.55 0.74 -7.58
C SER A 51 -16.15 -0.61 -7.19
N VAL A 52 -17.26 -0.97 -7.79
CA VAL A 52 -17.90 -2.28 -7.45
C VAL A 52 -16.87 -3.41 -7.55
N TYR A 53 -15.86 -3.23 -8.35
CA TYR A 53 -14.83 -4.30 -8.49
C TYR A 53 -14.18 -4.60 -7.14
N GLY A 54 -13.89 -3.58 -6.37
CA GLY A 54 -13.25 -3.80 -5.04
C GLY A 54 -11.86 -3.18 -5.03
N LEU A 55 -11.77 -1.92 -5.34
CA LEU A 55 -10.44 -1.25 -5.37
C LEU A 55 -10.23 -0.43 -4.08
N TYR A 56 -9.56 -0.98 -3.11
CA TYR A 56 -9.33 -0.24 -1.85
C TYR A 56 -7.98 0.50 -1.91
N VAL A 57 -7.88 1.63 -1.27
CA VAL A 57 -6.60 2.40 -1.29
C VAL A 57 -6.44 3.22 -0.02
N LEU A 58 -5.29 3.16 0.60
CA LEU A 58 -5.07 3.94 1.85
C LEU A 58 -3.64 4.45 1.92
N CYS A 59 -3.45 5.74 1.94
CA CYS A 59 -2.06 6.28 2.01
C CYS A 59 -1.72 6.67 3.45
N CYS A 60 -0.50 6.48 3.85
CA CYS A 60 -0.10 6.83 5.25
C CYS A 60 1.39 7.17 5.30
N THR A 61 1.88 7.55 6.45
CA THR A 61 3.32 7.89 6.57
C THR A 61 3.77 7.71 8.03
N THR A 62 4.99 8.09 8.33
CA THR A 62 5.48 7.93 9.73
C THR A 62 5.28 6.48 10.20
N ASP A 63 6.34 5.72 10.23
CA ASP A 63 6.20 4.30 10.67
C ASP A 63 5.37 3.51 9.67
N ASP A 64 5.81 2.33 9.31
CA ASP A 64 5.04 1.50 8.32
C ASP A 64 4.94 2.20 6.97
N CYS A 65 4.14 3.24 6.85
CA CYS A 65 4.03 3.93 5.53
C CYS A 65 5.09 5.03 5.41
N ASN A 66 6.13 4.95 6.18
CA ASN A 66 7.20 5.99 6.11
C ASN A 66 8.36 5.50 5.24
N MET A 1 12.56 6.68 8.56
CA MET A 1 11.39 6.77 7.63
C MET A 1 11.51 5.70 6.54
N LYS A 2 10.62 4.75 6.54
CA LYS A 2 10.68 3.68 5.49
C LYS A 2 9.26 3.20 5.14
N CYS A 3 9.16 2.08 4.49
CA CYS A 3 7.82 1.55 4.12
C CYS A 3 7.92 0.04 3.86
N LYS A 4 7.48 -0.76 4.79
CA LYS A 4 7.56 -2.23 4.61
C LYS A 4 6.43 -2.74 3.71
N ILE A 5 6.77 -3.39 2.63
CA ILE A 5 5.73 -3.93 1.71
C ILE A 5 5.56 -5.44 1.93
N CYS A 6 4.40 -5.84 2.39
CA CYS A 6 4.18 -7.30 2.64
C CYS A 6 3.03 -7.82 1.76
N ASN A 7 2.53 -8.98 2.07
CA ASN A 7 1.41 -9.54 1.25
C ASN A 7 0.11 -9.52 2.06
N PHE A 8 -0.82 -10.39 1.74
CA PHE A 8 -2.11 -10.41 2.50
C PHE A 8 -1.91 -11.01 3.90
N ASP A 9 -1.75 -10.16 4.88
CA ASP A 9 -1.57 -10.68 6.27
C ASP A 9 -0.30 -11.53 6.36
N THR A 10 0.67 -11.25 5.54
CA THR A 10 1.94 -12.05 5.58
C THR A 10 3.08 -11.23 4.98
N CYS A 11 4.22 -11.23 5.62
CA CYS A 11 5.37 -10.44 5.10
C CYS A 11 6.39 -11.38 4.44
N ARG A 12 5.93 -12.31 3.64
CA ARG A 12 6.86 -13.25 2.97
C ARG A 12 7.82 -12.48 2.06
N ALA A 13 7.42 -11.30 1.66
CA ALA A 13 8.30 -10.48 0.77
C ALA A 13 9.13 -9.52 1.61
N GLY A 14 8.53 -8.90 2.60
CA GLY A 14 9.29 -7.94 3.45
C GLY A 14 9.98 -6.91 2.56
N GLU A 15 9.32 -6.45 1.54
CA GLU A 15 9.95 -5.44 0.63
C GLU A 15 9.85 -4.05 1.27
N LEU A 16 10.71 -3.76 2.21
CA LEU A 16 10.65 -2.41 2.86
C LEU A 16 11.60 -1.44 2.16
N LYS A 17 11.18 -0.21 2.02
CA LYS A 17 12.05 0.80 1.34
C LYS A 17 11.85 2.17 1.99
N VAL A 18 12.05 3.22 1.25
CA VAL A 18 11.89 4.58 1.84
C VAL A 18 10.95 5.42 0.97
N CYS A 19 9.92 5.96 1.55
CA CYS A 19 8.96 6.79 0.77
C CYS A 19 8.45 7.96 1.61
N ALA A 20 7.82 7.66 2.73
CA ALA A 20 7.31 8.76 3.59
C ALA A 20 8.46 9.63 4.10
N SER A 21 9.01 10.47 3.25
CA SER A 21 10.13 11.34 3.67
C SER A 21 10.35 12.46 2.66
N GLY A 22 9.29 12.95 2.07
CA GLY A 22 9.43 14.04 1.07
C GLY A 22 8.18 14.09 0.19
N GLU A 23 7.05 14.37 0.77
CA GLU A 23 5.79 14.43 -0.03
C GLU A 23 5.50 13.07 -0.66
N LYS A 24 6.15 12.04 -0.20
CA LYS A 24 5.91 10.68 -0.78
C LYS A 24 5.13 9.81 0.23
N TYR A 25 3.84 9.76 0.10
CA TYR A 25 3.02 8.93 1.03
C TYR A 25 2.95 7.50 0.53
N CYS A 26 3.11 6.52 1.40
CA CYS A 26 3.01 5.11 0.95
C CYS A 26 1.55 4.67 0.92
N PHE A 27 1.02 4.42 -0.25
CA PHE A 27 -0.41 4.02 -0.34
C PHE A 27 -0.54 2.52 -0.58
N LYS A 28 -1.23 1.83 0.29
CA LYS A 28 -1.42 0.37 0.11
C LYS A 28 -2.74 0.11 -0.63
N GLU A 29 -2.67 -0.43 -1.81
CA GLU A 29 -3.93 -0.69 -2.58
C GLU A 29 -4.28 -2.18 -2.53
N SER A 30 -5.48 -2.48 -2.09
CA SER A 30 -5.90 -3.91 -2.03
C SER A 30 -6.95 -4.20 -3.10
N TRP A 31 -6.67 -5.11 -4.00
CA TRP A 31 -7.65 -5.43 -5.07
C TRP A 31 -8.67 -6.46 -4.57
N ARG A 32 -9.88 -6.38 -5.03
CA ARG A 32 -10.91 -7.35 -4.58
C ARG A 32 -11.31 -8.27 -5.75
N GLU A 33 -10.50 -9.26 -6.05
CA GLU A 33 -10.83 -10.18 -7.16
C GLU A 33 -11.96 -11.12 -6.76
N ALA A 34 -12.88 -11.37 -7.65
CA ALA A 34 -14.01 -12.29 -7.30
C ALA A 34 -13.48 -13.66 -6.89
N ARG A 35 -12.23 -13.94 -7.17
CA ARG A 35 -11.66 -15.27 -6.80
C ARG A 35 -10.46 -15.08 -5.85
N GLY A 36 -10.55 -14.14 -4.95
CA GLY A 36 -9.43 -13.91 -4.00
C GLY A 36 -9.19 -12.41 -3.84
N THR A 37 -8.41 -12.02 -2.86
CA THR A 37 -8.14 -10.57 -2.65
C THR A 37 -6.65 -10.28 -2.78
N ARG A 38 -6.28 -9.27 -3.52
CA ARG A 38 -4.84 -8.94 -3.68
C ARG A 38 -4.48 -7.71 -2.83
N ILE A 39 -3.24 -7.58 -2.46
CA ILE A 39 -2.84 -6.40 -1.63
C ILE A 39 -1.41 -5.99 -1.97
N GLU A 40 -1.20 -4.74 -2.33
CA GLU A 40 0.17 -4.28 -2.67
C GLU A 40 0.41 -2.87 -2.12
N ARG A 41 1.65 -2.49 -1.98
CA ARG A 41 1.94 -1.12 -1.45
C ARG A 41 2.54 -0.24 -2.55
N GLY A 42 2.99 0.93 -2.20
CA GLY A 42 3.58 1.84 -3.24
C GLY A 42 3.97 3.16 -2.58
N CYS A 43 4.38 4.12 -3.37
CA CYS A 43 4.78 5.44 -2.80
C CYS A 43 4.34 6.58 -3.72
N ALA A 44 3.35 7.32 -3.32
CA ALA A 44 2.88 8.45 -4.17
C ALA A 44 2.19 9.51 -3.31
N ALA A 45 1.50 10.44 -3.92
CA ALA A 45 0.81 11.51 -3.15
C ALA A 45 -0.66 11.58 -3.54
N THR A 46 -1.06 10.86 -4.56
CA THR A 46 -2.48 10.90 -5.00
C THR A 46 -3.19 9.60 -4.62
N CYS A 47 -4.23 9.68 -3.84
CA CYS A 47 -4.96 8.45 -3.44
C CYS A 47 -6.37 8.45 -4.03
N PRO A 48 -6.53 7.72 -5.11
CA PRO A 48 -7.85 7.65 -5.78
C PRO A 48 -8.82 6.79 -4.96
N LYS A 49 -9.97 6.51 -5.50
CA LYS A 49 -10.96 5.68 -4.74
C LYS A 49 -10.78 4.20 -5.09
N GLY A 50 -11.28 3.78 -6.22
CA GLY A 50 -11.13 2.36 -6.63
C GLY A 50 -11.41 2.21 -8.12
N SER A 51 -11.88 1.05 -8.52
CA SER A 51 -12.18 0.85 -9.97
C SER A 51 -13.59 0.29 -10.15
N VAL A 52 -14.56 0.88 -9.52
CA VAL A 52 -15.96 0.37 -9.65
C VAL A 52 -16.00 -1.13 -9.38
N TYR A 53 -15.01 -1.64 -8.69
CA TYR A 53 -14.99 -3.09 -8.38
C TYR A 53 -14.63 -3.32 -6.91
N GLY A 54 -13.56 -2.73 -6.46
CA GLY A 54 -13.16 -2.91 -5.04
C GLY A 54 -11.65 -2.66 -4.90
N LEU A 55 -11.28 -1.48 -4.45
CA LEU A 55 -9.82 -1.18 -4.30
C LEU A 55 -9.60 -0.40 -3.00
N TYR A 56 -8.91 -0.98 -2.05
CA TYR A 56 -8.66 -0.28 -0.77
C TYR A 56 -7.28 0.40 -0.80
N VAL A 57 -7.27 1.71 -0.89
CA VAL A 57 -5.96 2.43 -0.92
C VAL A 57 -5.70 3.12 0.42
N LEU A 58 -4.55 2.90 1.00
CA LEU A 58 -4.24 3.55 2.31
C LEU A 58 -2.91 4.30 2.25
N CYS A 59 -2.96 5.59 2.10
CA CYS A 59 -1.70 6.40 2.04
C CYS A 59 -1.27 6.82 3.44
N CYS A 60 -0.03 6.58 3.79
CA CYS A 60 0.44 6.97 5.16
C CYS A 60 1.84 7.60 5.09
N THR A 61 2.24 8.25 6.14
CA THR A 61 3.58 8.89 6.17
C THR A 61 4.20 8.75 7.56
N THR A 62 4.08 7.60 8.15
CA THR A 62 4.65 7.39 9.52
C THR A 62 5.15 5.95 9.65
N ASP A 63 6.04 5.70 10.58
CA ASP A 63 6.59 4.32 10.77
C ASP A 63 5.54 3.25 10.42
N ASP A 64 5.95 2.24 9.70
CA ASP A 64 4.99 1.15 9.32
C ASP A 64 3.95 1.65 8.32
N CYS A 65 2.99 2.45 8.76
CA CYS A 65 1.97 2.96 7.80
C CYS A 65 2.66 3.65 6.62
N ASN A 66 3.80 4.25 6.87
CA ASN A 66 4.54 4.94 5.78
C ASN A 66 4.92 3.95 4.69
N MET A 1 13.37 7.26 7.06
CA MET A 1 11.91 7.06 6.79
C MET A 1 11.72 6.04 5.67
N LYS A 2 11.30 4.84 5.99
CA LYS A 2 11.10 3.81 4.94
C LYS A 2 9.70 3.21 5.05
N CYS A 3 9.31 2.43 4.08
CA CYS A 3 7.95 1.81 4.12
C CYS A 3 8.07 0.29 3.91
N LYS A 4 7.70 -0.48 4.90
CA LYS A 4 7.79 -1.97 4.77
C LYS A 4 6.56 -2.52 4.04
N ILE A 5 6.76 -3.51 3.21
CA ILE A 5 5.60 -4.09 2.48
C ILE A 5 5.62 -5.62 2.59
N CYS A 6 4.54 -6.21 3.01
CA CYS A 6 4.51 -7.69 3.14
C CYS A 6 3.52 -8.29 2.13
N ASN A 7 2.29 -8.47 2.52
CA ASN A 7 1.28 -9.05 1.59
C ASN A 7 -0.13 -8.90 2.14
N PHE A 8 -1.02 -9.77 1.79
CA PHE A 8 -2.42 -9.68 2.30
C PHE A 8 -2.57 -10.37 3.65
N ASP A 9 -2.75 -9.61 4.69
CA ASP A 9 -2.90 -10.21 6.05
C ASP A 9 -1.78 -11.23 6.32
N THR A 10 -0.59 -10.93 5.88
CA THR A 10 0.54 -11.88 6.12
C THR A 10 1.87 -11.19 5.82
N CYS A 11 2.96 -11.89 5.98
CA CYS A 11 4.29 -11.27 5.72
C CYS A 11 5.22 -12.27 5.03
N ARG A 12 4.80 -12.83 3.93
CA ARG A 12 5.67 -13.82 3.23
C ARG A 12 6.71 -13.09 2.39
N ALA A 13 6.56 -11.81 2.22
CA ALA A 13 7.55 -11.03 1.41
C ALA A 13 8.53 -10.32 2.33
N GLY A 14 8.12 -9.23 2.93
CA GLY A 14 9.04 -8.50 3.84
C GLY A 14 9.92 -7.56 3.02
N GLU A 15 9.37 -6.92 2.03
CA GLU A 15 10.19 -5.98 1.20
C GLU A 15 9.83 -4.53 1.54
N LEU A 16 10.82 -3.76 1.94
CA LEU A 16 10.53 -2.33 2.29
C LEU A 16 11.17 -1.40 1.26
N LYS A 17 10.65 -0.21 1.12
CA LYS A 17 11.23 0.75 0.15
C LYS A 17 11.24 2.16 0.73
N VAL A 18 11.19 3.17 -0.10
CA VAL A 18 11.20 4.56 0.43
C VAL A 18 10.06 5.36 -0.19
N CYS A 19 9.28 6.01 0.63
CA CYS A 19 8.14 6.82 0.09
C CYS A 19 8.15 8.22 0.70
N ALA A 20 7.84 8.33 1.96
CA ALA A 20 7.85 9.67 2.62
C ALA A 20 9.28 10.20 2.73
N SER A 21 9.88 10.56 1.64
CA SER A 21 11.28 11.08 1.70
C SER A 21 11.25 12.62 1.69
N GLY A 22 10.23 13.20 2.27
CA GLY A 22 10.15 14.69 2.30
C GLY A 22 8.68 15.12 2.31
N GLU A 23 7.86 14.46 1.52
CA GLU A 23 6.42 14.83 1.48
C GLU A 23 5.64 13.75 0.72
N LYS A 24 5.86 12.50 1.03
CA LYS A 24 5.13 11.42 0.32
C LYS A 24 4.51 10.45 1.34
N TYR A 25 3.35 9.92 1.03
CA TYR A 25 2.69 8.97 1.97
C TYR A 25 2.60 7.59 1.34
N CYS A 26 2.83 6.56 2.11
CA CYS A 26 2.74 5.17 1.54
C CYS A 26 1.27 4.79 1.38
N PHE A 27 0.86 4.45 0.19
CA PHE A 27 -0.56 4.08 -0.04
C PHE A 27 -0.74 2.57 -0.20
N LYS A 28 -1.53 1.96 0.63
CA LYS A 28 -1.75 0.49 0.51
C LYS A 28 -2.96 0.23 -0.39
N GLU A 29 -2.85 -0.70 -1.30
CA GLU A 29 -3.99 -0.99 -2.21
C GLU A 29 -4.35 -2.47 -2.17
N SER A 30 -5.62 -2.78 -2.25
CA SER A 30 -6.05 -4.21 -2.22
C SER A 30 -7.06 -4.48 -3.33
N TRP A 31 -6.74 -5.35 -4.24
CA TRP A 31 -7.68 -5.66 -5.35
C TRP A 31 -8.63 -6.79 -4.96
N ARG A 32 -9.91 -6.58 -5.09
CA ARG A 32 -10.88 -7.66 -4.72
C ARG A 32 -11.23 -8.50 -5.96
N GLU A 33 -10.28 -9.23 -6.46
CA GLU A 33 -10.55 -10.07 -7.67
C GLU A 33 -11.45 -11.26 -7.30
N ALA A 34 -12.36 -11.62 -8.16
CA ALA A 34 -13.26 -12.76 -7.86
C ALA A 34 -12.45 -14.04 -7.62
N ARG A 35 -11.21 -14.04 -8.03
CA ARG A 35 -10.37 -15.26 -7.83
C ARG A 35 -9.64 -15.17 -6.48
N GLY A 36 -9.92 -14.15 -5.71
CA GLY A 36 -9.25 -14.02 -4.38
C GLY A 36 -9.05 -12.53 -4.07
N THR A 37 -7.96 -12.20 -3.43
CA THR A 37 -7.72 -10.77 -3.08
C THR A 37 -6.21 -10.47 -3.13
N ARG A 38 -5.84 -9.39 -3.75
CA ARG A 38 -4.39 -9.03 -3.82
C ARG A 38 -4.13 -7.71 -3.09
N ILE A 39 -2.92 -7.45 -2.72
CA ILE A 39 -2.61 -6.17 -2.00
C ILE A 39 -1.19 -5.69 -2.35
N GLU A 40 -1.04 -4.42 -2.60
CA GLU A 40 0.31 -3.88 -2.94
C GLU A 40 0.49 -2.48 -2.33
N ARG A 41 1.71 -2.08 -2.11
CA ARG A 41 1.95 -0.73 -1.51
C ARG A 41 2.77 0.13 -2.48
N GLY A 42 3.28 1.23 -2.01
CA GLY A 42 4.09 2.12 -2.90
C GLY A 42 4.25 3.50 -2.25
N CYS A 43 4.58 4.49 -3.02
CA CYS A 43 4.74 5.87 -2.45
C CYS A 43 3.85 6.85 -3.21
N ALA A 44 2.86 7.39 -2.55
CA ALA A 44 1.96 8.37 -3.24
C ALA A 44 1.39 9.37 -2.23
N ALA A 45 0.61 10.30 -2.69
CA ALA A 45 0.01 11.31 -1.76
C ALA A 45 -1.50 11.40 -1.96
N THR A 46 -2.02 10.80 -3.00
CA THR A 46 -3.48 10.85 -3.24
C THR A 46 -4.05 9.44 -3.44
N CYS A 47 -3.20 8.47 -3.62
CA CYS A 47 -3.68 7.07 -3.81
C CYS A 47 -4.97 7.04 -4.65
N PRO A 48 -4.87 7.58 -5.83
CA PRO A 48 -6.05 7.63 -6.73
C PRO A 48 -6.36 6.24 -7.29
N LYS A 49 -7.42 5.63 -6.83
CA LYS A 49 -7.78 4.28 -7.34
C LYS A 49 -9.20 3.90 -6.88
N GLY A 50 -9.50 2.63 -6.88
CA GLY A 50 -10.87 2.20 -6.45
C GLY A 50 -11.89 2.55 -7.54
N SER A 51 -12.77 1.65 -7.86
CA SER A 51 -13.79 1.94 -8.92
C SER A 51 -15.08 1.17 -8.64
N VAL A 52 -15.14 -0.06 -9.06
CA VAL A 52 -16.38 -0.86 -8.83
C VAL A 52 -16.31 -1.57 -7.48
N TYR A 53 -15.67 -0.96 -6.52
CA TYR A 53 -15.54 -1.58 -5.18
C TYR A 53 -14.65 -2.82 -5.27
N GLY A 54 -13.53 -2.71 -5.92
CA GLY A 54 -12.62 -3.88 -6.04
C GLY A 54 -11.17 -3.44 -5.80
N LEU A 55 -10.97 -2.28 -5.23
CA LEU A 55 -9.59 -1.81 -4.97
C LEU A 55 -9.56 -0.94 -3.71
N TYR A 56 -9.26 -1.54 -2.58
CA TYR A 56 -9.21 -0.75 -1.32
C TYR A 56 -7.88 -0.01 -1.22
N VAL A 57 -7.91 1.30 -1.21
CA VAL A 57 -6.64 2.07 -1.14
C VAL A 57 -6.61 2.93 0.13
N LEU A 58 -5.46 3.09 0.72
CA LEU A 58 -5.35 3.92 1.96
C LEU A 58 -3.99 4.61 2.01
N CYS A 59 -3.94 5.88 2.31
CA CYS A 59 -2.63 6.58 2.38
C CYS A 59 -2.19 6.74 3.83
N CYS A 60 -0.92 6.59 4.11
CA CYS A 60 -0.44 6.75 5.51
C CYS A 60 1.04 7.14 5.52
N THR A 61 1.57 7.47 6.67
CA THR A 61 3.00 7.87 6.76
C THR A 61 3.52 7.64 8.19
N THR A 62 4.77 7.95 8.43
CA THR A 62 5.33 7.74 9.80
C THR A 62 5.15 6.28 10.22
N ASP A 63 6.22 5.54 10.30
CA ASP A 63 6.10 4.11 10.70
C ASP A 63 5.24 3.36 9.66
N ASP A 64 5.70 2.23 9.20
CA ASP A 64 4.90 1.47 8.18
C ASP A 64 4.81 2.23 6.85
N CYS A 65 4.03 3.29 6.79
CA CYS A 65 3.93 4.05 5.52
C CYS A 65 4.93 5.21 5.48
N ASN A 66 5.98 5.12 6.26
CA ASN A 66 6.99 6.21 6.26
C ASN A 66 8.09 5.90 5.25
N MET A 1 13.99 7.63 7.66
CA MET A 1 12.59 7.23 7.36
C MET A 1 12.58 5.99 6.45
N LYS A 2 11.68 5.08 6.70
CA LYS A 2 11.62 3.85 5.85
C LYS A 2 10.18 3.33 5.78
N CYS A 3 9.91 2.43 4.87
CA CYS A 3 8.52 1.90 4.75
C CYS A 3 8.55 0.37 4.60
N LYS A 4 7.78 -0.32 5.39
CA LYS A 4 7.77 -1.81 5.30
C LYS A 4 6.70 -2.27 4.30
N ILE A 5 7.07 -3.12 3.37
CA ILE A 5 6.08 -3.60 2.37
C ILE A 5 5.65 -5.04 2.70
N CYS A 6 4.38 -5.24 2.91
CA CYS A 6 3.87 -6.61 3.23
C CYS A 6 3.35 -7.28 1.96
N ASN A 7 2.47 -8.25 2.10
CA ASN A 7 1.94 -8.93 0.88
C ASN A 7 0.87 -9.97 1.27
N PHE A 8 -0.06 -10.21 0.39
CA PHE A 8 -1.13 -11.21 0.67
C PHE A 8 -1.78 -10.96 2.04
N ASP A 9 -2.32 -9.80 2.25
CA ASP A 9 -2.98 -9.48 3.56
C ASP A 9 -1.97 -9.40 4.71
N THR A 10 -1.02 -10.29 4.78
CA THR A 10 -0.03 -10.24 5.90
C THR A 10 1.31 -9.69 5.41
N CYS A 11 2.31 -9.73 6.24
CA CYS A 11 3.65 -9.22 5.81
C CYS A 11 4.62 -10.38 5.62
N ARG A 12 4.21 -11.40 4.94
CA ARG A 12 5.13 -12.56 4.71
C ARG A 12 6.37 -12.10 3.96
N ALA A 13 6.32 -10.94 3.37
CA ALA A 13 7.50 -10.43 2.60
C ALA A 13 8.35 -9.54 3.51
N GLY A 14 7.74 -8.70 4.28
CA GLY A 14 8.51 -7.80 5.18
C GLY A 14 9.59 -7.07 4.38
N GLU A 15 9.26 -6.62 3.19
CA GLU A 15 10.27 -5.90 2.37
C GLU A 15 10.24 -4.41 2.70
N LEU A 16 11.00 -4.00 3.67
CA LEU A 16 11.01 -2.55 4.04
C LEU A 16 12.19 -1.84 3.38
N LYS A 17 12.02 -0.58 3.06
CA LYS A 17 13.11 0.19 2.41
C LYS A 17 12.91 1.68 2.67
N VAL A 18 13.09 2.50 1.67
CA VAL A 18 12.90 3.97 1.87
C VAL A 18 11.72 4.46 1.03
N CYS A 19 11.07 5.50 1.48
CA CYS A 19 9.90 6.04 0.71
C CYS A 19 9.61 7.48 1.13
N ALA A 20 8.89 7.66 2.21
CA ALA A 20 8.57 9.05 2.66
C ALA A 20 9.86 9.80 3.00
N SER A 21 10.39 10.53 2.06
CA SER A 21 11.64 11.30 2.33
C SER A 21 11.37 12.80 2.27
N GLY A 22 10.25 13.18 1.70
CA GLY A 22 9.92 14.64 1.62
C GLY A 22 8.40 14.81 1.63
N GLU A 23 7.74 14.45 0.58
CA GLU A 23 6.25 14.60 0.53
C GLU A 23 5.62 13.41 -0.19
N LYS A 24 5.60 12.26 0.43
CA LYS A 24 5.00 11.07 -0.24
C LYS A 24 4.65 10.01 0.81
N TYR A 25 3.43 9.53 0.78
CA TYR A 25 3.02 8.49 1.77
C TYR A 25 2.95 7.12 1.10
N CYS A 26 3.34 6.08 1.78
CA CYS A 26 3.28 4.73 1.17
C CYS A 26 1.83 4.39 0.82
N PHE A 27 1.49 4.44 -0.44
CA PHE A 27 0.10 4.14 -0.86
C PHE A 27 -0.13 2.63 -0.91
N LYS A 28 -1.22 2.17 -0.34
CA LYS A 28 -1.51 0.71 -0.36
C LYS A 28 -2.86 0.46 -1.05
N GLU A 29 -2.88 -0.33 -2.08
CA GLU A 29 -4.16 -0.59 -2.79
C GLU A 29 -4.48 -2.09 -2.79
N SER A 30 -5.60 -2.46 -2.24
CA SER A 30 -5.97 -3.91 -2.21
C SER A 30 -6.96 -4.22 -3.33
N TRP A 31 -6.53 -4.93 -4.34
CA TRP A 31 -7.45 -5.26 -5.46
C TRP A 31 -8.32 -6.46 -5.10
N ARG A 32 -9.62 -6.29 -5.15
CA ARG A 32 -10.53 -7.43 -4.81
C ARG A 32 -11.20 -7.95 -6.08
N GLU A 33 -11.71 -9.16 -6.04
CA GLU A 33 -12.37 -9.72 -7.26
C GLU A 33 -13.08 -11.04 -6.90
N ALA A 34 -13.43 -11.81 -7.89
CA ALA A 34 -14.11 -13.10 -7.61
C ALA A 34 -13.12 -14.26 -7.70
N ARG A 35 -12.14 -14.16 -8.56
CA ARG A 35 -11.14 -15.25 -8.69
C ARG A 35 -10.18 -15.25 -7.50
N GLY A 36 -9.82 -14.08 -7.03
CA GLY A 36 -8.89 -14.01 -5.86
C GLY A 36 -8.74 -12.56 -5.41
N THR A 37 -7.67 -12.25 -4.73
CA THR A 37 -7.46 -10.85 -4.26
C THR A 37 -5.97 -10.56 -4.10
N ARG A 38 -5.56 -9.35 -4.35
CA ARG A 38 -4.12 -9.00 -4.22
C ARG A 38 -3.96 -7.62 -3.58
N ILE A 39 -2.77 -7.26 -3.21
CA ILE A 39 -2.55 -5.93 -2.57
C ILE A 39 -1.23 -5.31 -3.07
N GLU A 40 -1.29 -4.13 -3.63
CA GLU A 40 -0.05 -3.48 -4.13
C GLU A 40 0.32 -2.30 -3.23
N ARG A 41 1.58 -1.97 -3.17
CA ARG A 41 2.01 -0.83 -2.30
C ARG A 41 2.88 0.14 -3.10
N GLY A 42 3.54 1.05 -2.43
CA GLY A 42 4.41 2.02 -3.15
C GLY A 42 4.29 3.40 -2.49
N CYS A 43 4.87 4.41 -3.09
CA CYS A 43 4.78 5.78 -2.50
C CYS A 43 3.90 6.68 -3.37
N ALA A 44 2.93 7.32 -2.79
CA ALA A 44 2.05 8.22 -3.58
C ALA A 44 1.39 9.26 -2.67
N ALA A 45 0.50 10.06 -3.21
CA ALA A 45 -0.18 11.09 -2.38
C ALA A 45 -1.54 11.45 -2.97
N THR A 46 -2.05 10.63 -3.86
CA THR A 46 -3.37 10.93 -4.47
C THR A 46 -4.41 9.92 -4.00
N CYS A 47 -4.00 8.72 -3.71
CA CYS A 47 -4.95 7.67 -3.24
C CYS A 47 -6.29 7.80 -3.97
N PRO A 48 -6.41 7.05 -5.04
CA PRO A 48 -7.65 7.07 -5.85
C PRO A 48 -8.76 6.31 -5.12
N LYS A 49 -9.81 5.96 -5.82
CA LYS A 49 -10.93 5.22 -5.17
C LYS A 49 -11.11 3.85 -5.82
N GLY A 50 -12.23 3.21 -5.59
CA GLY A 50 -12.47 1.88 -6.20
C GLY A 50 -13.79 1.90 -6.97
N SER A 51 -14.28 0.76 -7.36
CA SER A 51 -15.56 0.71 -8.12
C SER A 51 -15.89 -0.74 -8.51
N VAL A 52 -17.15 -1.08 -8.59
CA VAL A 52 -17.52 -2.47 -8.96
C VAL A 52 -16.85 -3.47 -8.01
N TYR A 53 -15.66 -3.88 -8.32
CA TYR A 53 -14.95 -4.85 -7.44
C TYR A 53 -14.78 -4.26 -6.04
N GLY A 54 -14.03 -3.19 -5.91
CA GLY A 54 -13.84 -2.57 -4.57
C GLY A 54 -12.34 -2.46 -4.28
N LEU A 55 -11.67 -1.52 -4.87
CA LEU A 55 -10.21 -1.36 -4.60
C LEU A 55 -9.99 -0.64 -3.28
N TYR A 56 -9.29 -1.26 -2.36
CA TYR A 56 -9.04 -0.60 -1.05
C TYR A 56 -7.87 0.37 -1.14
N VAL A 57 -8.14 1.64 -1.26
CA VAL A 57 -7.03 2.64 -1.35
C VAL A 57 -6.70 3.18 0.03
N LEU A 58 -5.45 3.12 0.43
CA LEU A 58 -5.07 3.65 1.77
C LEU A 58 -3.59 4.05 1.79
N CYS A 59 -3.31 5.31 1.92
CA CYS A 59 -1.89 5.77 1.95
C CYS A 59 -1.49 6.10 3.39
N CYS A 60 -0.31 5.70 3.79
CA CYS A 60 0.14 5.99 5.19
C CYS A 60 1.59 6.49 5.19
N THR A 61 2.05 6.96 6.31
CA THR A 61 3.45 7.46 6.38
C THR A 61 3.91 7.52 7.85
N THR A 62 5.12 7.96 8.08
CA THR A 62 5.62 8.02 9.48
C THR A 62 5.68 6.62 10.10
N ASP A 63 6.85 6.04 10.15
CA ASP A 63 6.97 4.67 10.75
C ASP A 63 6.14 3.67 9.96
N ASP A 64 6.65 2.48 9.77
CA ASP A 64 5.89 1.43 9.02
C ASP A 64 5.58 1.90 7.59
N CYS A 65 4.67 2.83 7.40
CA CYS A 65 4.36 3.29 6.03
C CYS A 65 5.17 4.55 5.69
N ASN A 66 6.16 4.84 6.47
CA ASN A 66 6.99 6.06 6.18
C ASN A 66 7.70 5.91 4.84
N MET A 1 13.56 6.21 10.08
CA MET A 1 12.25 5.54 9.82
C MET A 1 12.16 5.10 8.36
N LYS A 2 11.26 4.20 8.04
CA LYS A 2 11.12 3.74 6.64
C LYS A 2 9.73 3.16 6.40
N CYS A 3 9.52 2.52 5.28
CA CYS A 3 8.18 1.94 4.99
C CYS A 3 8.32 0.47 4.57
N LYS A 4 7.82 -0.43 5.35
CA LYS A 4 7.92 -1.88 5.00
C LYS A 4 6.89 -2.25 3.95
N ILE A 5 7.33 -2.58 2.76
CA ILE A 5 6.37 -2.95 1.68
C ILE A 5 6.08 -4.46 1.73
N CYS A 6 4.83 -4.83 1.67
CA CYS A 6 4.48 -6.27 1.71
C CYS A 6 3.02 -6.47 1.26
N ASN A 7 2.32 -7.37 1.90
CA ASN A 7 0.90 -7.60 1.52
C ASN A 7 0.14 -8.23 2.70
N PHE A 8 -1.06 -7.77 2.95
CA PHE A 8 -1.84 -8.33 4.09
C PHE A 8 -2.42 -9.70 3.72
N ASP A 9 -2.43 -10.62 4.64
CA ASP A 9 -2.98 -11.97 4.35
C ASP A 9 -2.12 -12.68 3.30
N THR A 10 -0.94 -12.18 3.06
CA THR A 10 -0.06 -12.84 2.05
C THR A 10 1.26 -12.06 1.91
N CYS A 11 1.99 -11.90 2.98
CA CYS A 11 3.28 -11.14 2.89
C CYS A 11 4.33 -11.98 2.15
N ARG A 12 4.45 -11.79 0.86
CA ARG A 12 5.46 -12.57 0.08
C ARG A 12 6.75 -11.76 -0.05
N ALA A 13 6.67 -10.48 0.16
CA ALA A 13 7.89 -9.62 0.06
C ALA A 13 8.47 -9.35 1.44
N GLY A 14 7.86 -8.45 2.17
CA GLY A 14 8.37 -8.14 3.54
C GLY A 14 9.61 -7.25 3.44
N GLU A 15 9.60 -6.31 2.54
CA GLU A 15 10.78 -5.42 2.39
C GLU A 15 10.50 -4.05 3.00
N LEU A 16 11.39 -3.11 2.85
CA LEU A 16 11.17 -1.75 3.42
C LEU A 16 11.97 -0.71 2.64
N LYS A 17 11.45 0.49 2.53
CA LYS A 17 12.17 1.56 1.79
C LYS A 17 11.94 2.90 2.47
N VAL A 18 11.88 3.96 1.72
CA VAL A 18 11.65 5.30 2.33
C VAL A 18 10.48 6.01 1.64
N CYS A 19 9.79 6.87 2.33
CA CYS A 19 8.65 7.59 1.71
C CYS A 19 8.24 8.79 2.57
N ALA A 20 7.71 8.55 3.74
CA ALA A 20 7.30 9.68 4.62
C ALA A 20 8.52 10.48 5.07
N SER A 21 9.08 11.27 4.21
CA SER A 21 10.28 12.07 4.59
C SER A 21 10.29 13.40 3.83
N GLY A 22 9.15 13.88 3.44
CA GLY A 22 9.09 15.17 2.69
C GLY A 22 8.96 14.90 1.19
N GLU A 23 8.90 13.65 0.80
CA GLU A 23 8.78 13.33 -0.65
C GLU A 23 7.35 12.84 -0.97
N LYS A 24 7.05 11.62 -0.67
CA LYS A 24 5.69 11.08 -0.95
C LYS A 24 5.24 10.16 0.18
N TYR A 25 4.04 9.64 0.09
CA TYR A 25 3.54 8.73 1.16
C TYR A 25 3.49 7.29 0.64
N CYS A 26 3.39 6.34 1.54
CA CYS A 26 3.32 4.92 1.10
C CYS A 26 1.87 4.55 0.79
N PHE A 27 1.53 4.40 -0.46
CA PHE A 27 0.13 4.05 -0.82
C PHE A 27 -0.02 2.55 -1.09
N LYS A 28 -0.94 1.91 -0.41
CA LYS A 28 -1.17 0.46 -0.64
C LYS A 28 -2.54 0.25 -1.29
N GLU A 29 -2.76 -0.86 -1.92
CA GLU A 29 -4.08 -1.08 -2.57
C GLU A 29 -4.51 -2.55 -2.42
N SER A 30 -5.79 -2.79 -2.27
CA SER A 30 -6.28 -4.19 -2.13
C SER A 30 -7.31 -4.50 -3.22
N TRP A 31 -6.97 -5.37 -4.14
CA TRP A 31 -7.92 -5.71 -5.23
C TRP A 31 -8.88 -6.82 -4.78
N ARG A 32 -10.17 -6.55 -4.79
CA ARG A 32 -11.14 -7.60 -4.36
C ARG A 32 -11.50 -8.50 -5.54
N GLU A 33 -11.07 -9.73 -5.51
CA GLU A 33 -11.39 -10.65 -6.64
C GLU A 33 -12.51 -11.62 -6.23
N ALA A 34 -13.06 -12.33 -7.17
CA ALA A 34 -14.15 -13.30 -6.84
C ALA A 34 -13.57 -14.53 -6.16
N ARG A 35 -12.30 -14.73 -6.24
CA ARG A 35 -11.68 -15.92 -5.59
C ARG A 35 -10.58 -15.49 -4.61
N GLY A 36 -10.77 -14.40 -3.94
CA GLY A 36 -9.75 -13.93 -2.97
C GLY A 36 -9.36 -12.48 -3.28
N THR A 37 -8.77 -11.80 -2.34
CA THR A 37 -8.37 -10.39 -2.59
C THR A 37 -6.84 -10.24 -2.52
N ARG A 38 -6.29 -9.37 -3.31
CA ARG A 38 -4.80 -9.19 -3.29
C ARG A 38 -4.45 -7.81 -2.74
N ILE A 39 -3.21 -7.61 -2.35
CA ILE A 39 -2.82 -6.28 -1.81
C ILE A 39 -1.43 -5.88 -2.35
N GLU A 40 -1.17 -4.61 -2.45
CA GLU A 40 0.16 -4.16 -2.96
C GLU A 40 0.53 -2.81 -2.32
N ARG A 41 1.80 -2.50 -2.31
CA ARG A 41 2.23 -1.21 -1.70
C ARG A 41 3.23 -0.49 -2.61
N GLY A 42 3.77 0.61 -2.18
CA GLY A 42 4.75 1.35 -3.03
C GLY A 42 5.01 2.73 -2.42
N CYS A 43 5.39 3.68 -3.22
CA CYS A 43 5.66 5.04 -2.69
C CYS A 43 5.08 6.10 -3.64
N ALA A 44 4.02 6.75 -3.25
CA ALA A 44 3.41 7.80 -4.12
C ALA A 44 2.54 8.74 -3.30
N ALA A 45 1.71 9.51 -3.94
CA ALA A 45 0.82 10.45 -3.18
C ALA A 45 -0.41 10.79 -4.01
N THR A 46 -0.72 10.00 -4.99
CA THR A 46 -1.91 10.29 -5.84
C THR A 46 -3.17 9.65 -5.22
N CYS A 47 -2.98 8.65 -4.40
CA CYS A 47 -4.14 7.98 -3.74
C CYS A 47 -5.36 7.95 -4.67
N PRO A 48 -5.41 6.91 -5.47
CA PRO A 48 -6.53 6.75 -6.44
C PRO A 48 -7.81 6.34 -5.69
N LYS A 49 -8.77 5.82 -6.41
CA LYS A 49 -10.04 5.39 -5.74
C LYS A 49 -10.52 4.06 -6.31
N GLY A 50 -11.74 3.68 -6.03
CA GLY A 50 -12.27 2.39 -6.55
C GLY A 50 -13.79 2.38 -6.43
N SER A 51 -14.39 1.22 -6.36
CA SER A 51 -15.87 1.14 -6.25
C SER A 51 -16.34 -0.31 -6.40
N VAL A 52 -16.60 -0.74 -7.60
CA VAL A 52 -17.05 -2.14 -7.81
C VAL A 52 -15.84 -3.07 -8.02
N TYR A 53 -14.81 -2.59 -8.65
CA TYR A 53 -13.61 -3.42 -8.88
C TYR A 53 -13.03 -3.88 -7.54
N GLY A 54 -13.33 -3.18 -6.48
CA GLY A 54 -12.78 -3.57 -5.15
C GLY A 54 -11.34 -3.09 -5.02
N LEU A 55 -11.10 -1.83 -5.29
CA LEU A 55 -9.70 -1.31 -5.18
C LEU A 55 -9.54 -0.51 -3.89
N TYR A 56 -9.29 -1.17 -2.79
CA TYR A 56 -9.13 -0.44 -1.50
C TYR A 56 -7.72 0.14 -1.41
N VAL A 57 -7.55 1.38 -1.79
CA VAL A 57 -6.20 2.00 -1.73
C VAL A 57 -6.13 3.05 -0.62
N LEU A 58 -4.98 3.27 -0.06
CA LEU A 58 -4.84 4.28 1.02
C LEU A 58 -3.38 4.71 1.16
N CYS A 59 -3.13 5.97 1.39
CA CYS A 59 -1.73 6.44 1.53
C CYS A 59 -1.39 6.73 3.00
N CYS A 60 -0.23 6.35 3.44
CA CYS A 60 0.17 6.61 4.85
C CYS A 60 1.50 7.36 4.90
N THR A 61 1.82 7.93 6.03
CA THR A 61 3.11 8.68 6.13
C THR A 61 3.51 8.83 7.61
N THR A 62 3.65 7.74 8.32
CA THR A 62 4.04 7.85 9.76
C THR A 62 4.50 6.49 10.31
N ASP A 63 5.77 6.21 10.23
CA ASP A 63 6.28 4.91 10.77
C ASP A 63 5.61 3.73 10.08
N ASP A 64 6.35 2.67 9.84
CA ASP A 64 5.76 1.46 9.18
C ASP A 64 5.15 1.81 7.81
N CYS A 65 4.02 2.47 7.77
CA CYS A 65 3.41 2.81 6.47
C CYS A 65 3.96 4.15 5.97
N ASN A 66 5.08 4.57 6.49
CA ASN A 66 5.68 5.86 6.04
C ASN A 66 5.54 6.02 4.53
N MET A 1 13.08 6.38 8.98
CA MET A 1 11.70 5.90 8.69
C MET A 1 11.66 5.14 7.36
N LYS A 2 11.09 3.97 7.35
CA LYS A 2 11.03 3.20 6.07
C LYS A 2 9.61 2.65 5.86
N CYS A 3 9.39 1.99 4.75
CA CYS A 3 8.03 1.44 4.48
C CYS A 3 8.13 -0.02 4.06
N LYS A 4 7.61 -0.92 4.85
CA LYS A 4 7.68 -2.36 4.48
C LYS A 4 6.57 -2.71 3.48
N ILE A 5 6.89 -3.38 2.42
CA ILE A 5 5.85 -3.75 1.41
C ILE A 5 5.74 -5.27 1.29
N CYS A 6 4.56 -5.77 1.09
CA CYS A 6 4.37 -7.25 0.96
C CYS A 6 2.89 -7.59 0.87
N ASN A 7 2.55 -8.60 0.11
CA ASN A 7 1.11 -8.99 -0.01
C ASN A 7 0.48 -9.14 1.38
N PHE A 8 -0.45 -8.30 1.71
CA PHE A 8 -1.10 -8.40 3.05
C PHE A 8 -1.76 -9.77 3.22
N ASP A 9 -1.98 -10.19 4.44
CA ASP A 9 -2.60 -11.52 4.69
C ASP A 9 -1.64 -12.66 4.33
N THR A 10 -0.46 -12.33 3.91
CA THR A 10 0.53 -13.40 3.56
C THR A 10 1.84 -12.78 3.08
N CYS A 11 2.39 -11.87 3.82
CA CYS A 11 3.67 -11.23 3.40
C CYS A 11 4.11 -10.19 4.43
N ARG A 12 5.20 -10.44 5.11
CA ARG A 12 5.67 -9.46 6.14
C ARG A 12 6.61 -8.44 5.48
N ALA A 13 7.56 -7.94 6.20
CA ALA A 13 8.50 -6.94 5.62
C ALA A 13 9.36 -7.60 4.54
N GLY A 14 8.75 -8.03 3.47
CA GLY A 14 9.54 -8.68 2.37
C GLY A 14 10.25 -7.62 1.54
N GLU A 15 9.58 -6.53 1.27
CA GLU A 15 10.22 -5.44 0.46
C GLU A 15 10.05 -4.09 1.15
N LEU A 16 10.93 -3.76 2.05
CA LEU A 16 10.81 -2.46 2.75
C LEU A 16 11.78 -1.43 2.17
N LYS A 17 11.35 -0.21 2.03
CA LYS A 17 12.25 0.84 1.47
C LYS A 17 12.04 2.16 2.22
N VAL A 18 12.05 3.27 1.53
CA VAL A 18 11.84 4.58 2.21
C VAL A 18 10.78 5.40 1.48
N CYS A 19 10.00 6.14 2.21
CA CYS A 19 8.95 6.97 1.56
C CYS A 19 8.25 7.85 2.59
N ALA A 20 9.02 8.53 3.41
CA ALA A 20 8.40 9.41 4.45
C ALA A 20 9.12 10.77 4.49
N SER A 21 9.84 11.10 3.45
CA SER A 21 10.56 12.41 3.44
C SER A 21 9.58 13.55 3.74
N GLY A 22 8.64 13.79 2.85
CA GLY A 22 7.66 14.88 3.08
C GLY A 22 6.40 14.62 2.24
N GLU A 23 6.50 14.78 0.96
CA GLU A 23 5.31 14.54 0.09
C GLU A 23 5.31 13.08 -0.41
N LYS A 24 5.53 12.14 0.48
CA LYS A 24 5.54 10.71 0.05
C LYS A 24 4.66 9.87 0.97
N TYR A 25 3.65 9.24 0.44
CA TYR A 25 2.76 8.40 1.28
C TYR A 25 2.70 6.97 0.73
N CYS A 26 2.87 6.00 1.57
CA CYS A 26 2.80 4.58 1.10
C CYS A 26 1.33 4.20 0.88
N PHE A 27 0.94 3.94 -0.33
CA PHE A 27 -0.49 3.59 -0.60
C PHE A 27 -0.66 2.08 -0.75
N LYS A 28 -1.64 1.53 -0.09
CA LYS A 28 -1.89 0.06 -0.20
C LYS A 28 -3.09 -0.18 -1.11
N GLU A 29 -2.90 -0.90 -2.19
CA GLU A 29 -4.03 -1.15 -3.12
C GLU A 29 -4.58 -2.57 -2.93
N SER A 30 -5.61 -2.73 -2.15
CA SER A 30 -6.18 -4.09 -1.94
C SER A 30 -7.12 -4.44 -3.10
N TRP A 31 -6.67 -5.26 -4.01
CA TRP A 31 -7.54 -5.64 -5.16
C TRP A 31 -8.49 -6.77 -4.76
N ARG A 32 -9.77 -6.53 -4.84
CA ARG A 32 -10.74 -7.58 -4.46
C ARG A 32 -11.29 -8.27 -5.71
N GLU A 33 -11.58 -9.54 -5.63
CA GLU A 33 -12.11 -10.27 -6.82
C GLU A 33 -13.10 -11.35 -6.38
N ALA A 34 -13.78 -11.96 -7.31
CA ALA A 34 -14.75 -13.03 -6.94
C ALA A 34 -14.04 -14.38 -6.80
N ARG A 35 -12.79 -14.45 -7.19
CA ARG A 35 -12.04 -15.73 -7.08
C ARG A 35 -10.95 -15.61 -6.03
N GLY A 36 -10.54 -14.43 -5.70
CA GLY A 36 -9.47 -14.25 -4.68
C GLY A 36 -9.20 -12.77 -4.44
N THR A 37 -8.25 -12.45 -3.63
CA THR A 37 -7.94 -11.01 -3.35
C THR A 37 -6.42 -10.82 -3.19
N ARG A 38 -5.90 -9.72 -3.66
CA ARG A 38 -4.43 -9.47 -3.53
C ARG A 38 -4.18 -8.00 -3.23
N ILE A 39 -3.31 -7.71 -2.31
CA ILE A 39 -3.01 -6.29 -1.97
C ILE A 39 -1.65 -5.87 -2.56
N GLU A 40 -1.55 -4.66 -3.02
CA GLU A 40 -0.26 -4.18 -3.59
C GLU A 40 0.07 -2.79 -3.05
N ARG A 41 1.08 -2.68 -2.24
CA ARG A 41 1.45 -1.35 -1.67
C ARG A 41 2.44 -0.62 -2.58
N GLY A 42 2.91 0.52 -2.17
CA GLY A 42 3.88 1.28 -3.01
C GLY A 42 4.06 2.68 -2.42
N CYS A 43 4.93 3.47 -3.01
CA CYS A 43 5.15 4.84 -2.48
C CYS A 43 4.71 5.89 -3.52
N ALA A 44 3.78 6.72 -3.17
CA ALA A 44 3.31 7.75 -4.15
C ALA A 44 2.62 8.90 -3.41
N ALA A 45 2.17 9.89 -4.13
CA ALA A 45 1.49 11.04 -3.48
C ALA A 45 0.20 11.39 -4.24
N THR A 46 -0.12 10.64 -5.25
CA THR A 46 -1.37 10.93 -6.02
C THR A 46 -2.60 10.39 -5.27
N CYS A 47 -2.45 9.26 -4.64
CA CYS A 47 -3.60 8.67 -3.88
C CYS A 47 -4.88 8.76 -4.71
N PRO A 48 -4.97 7.89 -5.68
CA PRO A 48 -6.16 7.85 -6.56
C PRO A 48 -7.35 7.23 -5.81
N LYS A 49 -8.43 6.96 -6.51
CA LYS A 49 -9.62 6.35 -5.84
C LYS A 49 -9.89 4.96 -6.41
N GLY A 50 -11.02 4.38 -6.08
CA GLY A 50 -11.35 3.03 -6.60
C GLY A 50 -12.81 2.70 -6.31
N SER A 51 -13.16 1.45 -6.27
CA SER A 51 -14.58 1.08 -5.99
C SER A 51 -14.64 -0.08 -4.99
N VAL A 52 -15.78 -0.33 -4.43
CA VAL A 52 -15.90 -1.45 -3.44
C VAL A 52 -15.26 -2.72 -4.01
N TYR A 53 -15.23 -2.85 -5.30
CA TYR A 53 -14.62 -4.08 -5.91
C TYR A 53 -13.62 -3.68 -7.00
N GLY A 54 -13.02 -2.54 -6.89
CA GLY A 54 -12.04 -2.10 -7.92
C GLY A 54 -10.63 -2.16 -7.33
N LEU A 55 -10.30 -1.24 -6.46
CA LEU A 55 -8.95 -1.25 -5.85
C LEU A 55 -8.95 -0.43 -4.55
N TYR A 56 -8.69 -1.07 -3.45
CA TYR A 56 -8.68 -0.34 -2.15
C TYR A 56 -7.36 0.42 -1.99
N VAL A 57 -7.34 1.68 -2.35
CA VAL A 57 -6.09 2.47 -2.22
C VAL A 57 -6.03 3.16 -0.84
N LEU A 58 -5.02 2.87 -0.07
CA LEU A 58 -4.91 3.50 1.27
C LEU A 58 -3.54 4.18 1.43
N CYS A 59 -3.48 5.47 1.28
CA CYS A 59 -2.18 6.19 1.42
C CYS A 59 -1.91 6.54 2.89
N CYS A 60 -0.74 6.23 3.37
CA CYS A 60 -0.41 6.54 4.79
C CYS A 60 1.07 6.92 4.93
N THR A 61 1.48 7.32 6.10
CA THR A 61 2.90 7.71 6.31
C THR A 61 3.28 7.50 7.78
N THR A 62 4.51 7.76 8.13
CA THR A 62 4.92 7.58 9.55
C THR A 62 4.66 6.15 10.01
N ASP A 63 5.70 5.39 10.26
CA ASP A 63 5.50 3.98 10.70
C ASP A 63 4.80 3.18 9.60
N ASP A 64 5.32 2.03 9.26
CA ASP A 64 4.67 1.20 8.19
C ASP A 64 4.65 1.95 6.85
N CYS A 65 3.81 2.95 6.71
CA CYS A 65 3.77 3.69 5.41
C CYS A 65 4.82 4.81 5.41
N ASN A 66 5.79 4.73 6.28
CA ASN A 66 6.84 5.80 6.32
C ASN A 66 8.03 5.39 5.45
N MET A 1 12.34 6.54 9.72
CA MET A 1 11.08 6.62 8.93
C MET A 1 11.17 5.73 7.68
N LYS A 2 10.71 4.51 7.78
CA LYS A 2 10.77 3.60 6.59
C LYS A 2 9.43 2.90 6.40
N CYS A 3 9.21 2.32 5.26
CA CYS A 3 7.91 1.62 5.02
C CYS A 3 8.16 0.15 4.68
N LYS A 4 7.61 -0.75 5.46
CA LYS A 4 7.81 -2.20 5.19
C LYS A 4 6.80 -2.69 4.17
N ILE A 5 7.25 -3.30 3.10
CA ILE A 5 6.30 -3.80 2.07
C ILE A 5 6.47 -5.31 1.89
N CYS A 6 5.39 -6.03 1.83
CA CYS A 6 5.49 -7.52 1.65
C CYS A 6 4.10 -8.12 1.45
N ASN A 7 3.22 -7.40 0.80
CA ASN A 7 1.84 -7.94 0.57
C ASN A 7 1.19 -8.32 1.90
N PHE A 8 0.22 -7.56 2.34
CA PHE A 8 -0.45 -7.88 3.63
C PHE A 8 -1.04 -9.29 3.59
N ASP A 9 -1.30 -9.88 4.73
CA ASP A 9 -1.86 -11.25 4.75
C ASP A 9 -0.82 -12.26 4.27
N THR A 10 0.40 -11.85 4.14
CA THR A 10 1.47 -12.79 3.68
C THR A 10 2.81 -12.07 3.58
N CYS A 11 3.29 -11.52 4.67
CA CYS A 11 4.58 -10.79 4.64
C CYS A 11 5.73 -11.79 4.43
N ARG A 12 6.08 -12.06 3.21
CA ARG A 12 7.19 -13.01 2.94
C ARG A 12 8.35 -12.29 2.25
N ALA A 13 8.15 -11.07 1.83
CA ALA A 13 9.25 -10.33 1.15
C ALA A 13 9.94 -9.38 2.14
N GLY A 14 9.23 -8.95 3.14
CA GLY A 14 9.84 -8.03 4.14
C GLY A 14 10.67 -6.96 3.42
N GLU A 15 10.18 -6.48 2.31
CA GLU A 15 10.93 -5.43 1.55
C GLU A 15 10.57 -4.04 2.05
N LEU A 16 11.30 -3.53 3.00
CA LEU A 16 11.00 -2.16 3.53
C LEU A 16 11.86 -1.12 2.80
N LYS A 17 11.39 0.10 2.73
CA LYS A 17 12.16 1.16 2.04
C LYS A 17 12.06 2.46 2.83
N VAL A 18 12.21 3.58 2.17
CA VAL A 18 12.12 4.89 2.88
C VAL A 18 11.06 5.77 2.22
N CYS A 19 10.19 6.36 3.00
CA CYS A 19 9.14 7.24 2.42
C CYS A 19 8.60 8.18 3.50
N ALA A 20 7.40 8.68 3.31
CA ALA A 20 6.81 9.61 4.32
C ALA A 20 7.83 10.68 4.71
N SER A 21 8.79 10.95 3.87
CA SER A 21 9.81 11.98 4.19
C SER A 21 9.22 13.39 3.99
N GLY A 22 8.19 13.50 3.19
CA GLY A 22 7.57 14.83 2.96
C GLY A 22 6.53 14.72 1.83
N GLU A 23 6.95 14.33 0.66
CA GLU A 23 5.99 14.20 -0.46
C GLU A 23 5.93 12.75 -0.94
N LYS A 24 6.28 11.82 -0.10
CA LYS A 24 6.25 10.38 -0.50
C LYS A 24 5.39 9.58 0.47
N TYR A 25 4.20 9.23 0.08
CA TYR A 25 3.32 8.45 0.99
C TYR A 25 3.24 6.99 0.52
N CYS A 26 3.37 6.05 1.41
CA CYS A 26 3.30 4.62 1.00
C CYS A 26 1.93 4.35 0.37
N PHE A 27 1.90 4.15 -0.92
CA PHE A 27 0.59 3.89 -1.61
C PHE A 27 0.20 2.41 -1.47
N LYS A 28 -0.70 2.12 -0.57
CA LYS A 28 -1.14 0.71 -0.40
C LYS A 28 -2.44 0.46 -1.19
N GLU A 29 -2.46 -0.54 -2.02
CA GLU A 29 -3.70 -0.81 -2.82
C GLU A 29 -4.22 -2.22 -2.54
N SER A 30 -5.49 -2.44 -2.75
CA SER A 30 -6.07 -3.79 -2.51
C SER A 30 -7.21 -4.06 -3.48
N TRP A 31 -6.98 -4.86 -4.48
CA TRP A 31 -8.05 -5.17 -5.46
C TRP A 31 -8.92 -6.32 -4.96
N ARG A 32 -10.20 -6.09 -4.81
CA ARG A 32 -11.10 -7.18 -4.32
C ARG A 32 -11.70 -7.93 -5.50
N GLU A 33 -11.62 -9.24 -5.50
CA GLU A 33 -12.20 -10.03 -6.62
C GLU A 33 -13.39 -10.87 -6.14
N ALA A 34 -14.09 -11.48 -7.03
CA ALA A 34 -15.26 -12.31 -6.62
C ALA A 34 -14.79 -13.64 -6.04
N ARG A 35 -13.55 -14.01 -6.27
CA ARG A 35 -13.03 -15.29 -5.73
C ARG A 35 -11.88 -15.04 -4.76
N GLY A 36 -11.44 -13.81 -4.66
CA GLY A 36 -10.31 -13.50 -3.74
C GLY A 36 -9.92 -12.03 -3.88
N THR A 37 -8.82 -11.64 -3.28
CA THR A 37 -8.39 -10.22 -3.39
C THR A 37 -6.86 -10.13 -3.35
N ARG A 38 -6.30 -9.14 -4.00
CA ARG A 38 -4.82 -9.00 -4.00
C ARG A 38 -4.42 -7.63 -3.46
N ILE A 39 -3.30 -7.53 -2.80
CA ILE A 39 -2.87 -6.21 -2.25
C ILE A 39 -1.61 -5.73 -2.98
N GLU A 40 -1.63 -4.54 -3.48
CA GLU A 40 -0.43 -4.00 -4.20
C GLU A 40 0.34 -3.06 -3.29
N ARG A 41 1.62 -2.90 -3.53
CA ARG A 41 2.44 -2.00 -2.68
C ARG A 41 3.11 -0.92 -3.54
N GLY A 42 3.88 -0.06 -2.94
CA GLY A 42 4.56 1.00 -3.75
C GLY A 42 4.43 2.34 -3.01
N CYS A 43 5.27 3.28 -3.35
CA CYS A 43 5.20 4.62 -2.67
C CYS A 43 4.82 5.69 -3.69
N ALA A 44 3.77 6.44 -3.40
CA ALA A 44 3.34 7.51 -4.35
C ALA A 44 2.85 8.74 -3.58
N ALA A 45 2.23 9.66 -4.25
CA ALA A 45 1.72 10.88 -3.56
C ALA A 45 0.19 10.90 -3.59
N THR A 46 -0.39 10.33 -4.61
CA THR A 46 -1.88 10.31 -4.69
C THR A 46 -2.36 8.92 -5.12
N CYS A 47 -3.14 8.29 -4.29
CA CYS A 47 -3.66 6.93 -4.63
C CYS A 47 -5.19 6.90 -4.54
N PRO A 48 -5.81 7.86 -5.18
CA PRO A 48 -7.29 7.94 -5.18
C PRO A 48 -7.88 6.88 -6.11
N LYS A 49 -8.92 6.22 -5.69
CA LYS A 49 -9.54 5.17 -6.55
C LYS A 49 -10.76 4.56 -5.86
N GLY A 50 -11.12 3.36 -6.22
CA GLY A 50 -12.30 2.71 -5.57
C GLY A 50 -13.43 2.57 -6.60
N SER A 51 -13.94 1.39 -6.77
CA SER A 51 -15.03 1.19 -7.76
C SER A 51 -15.88 -0.02 -7.37
N VAL A 52 -16.99 -0.22 -8.01
CA VAL A 52 -17.86 -1.39 -7.68
C VAL A 52 -17.01 -2.66 -7.50
N TYR A 53 -15.87 -2.70 -8.14
CA TYR A 53 -14.99 -3.90 -8.01
C TYR A 53 -14.48 -4.02 -6.57
N GLY A 54 -13.94 -2.97 -6.04
CA GLY A 54 -13.41 -3.03 -4.64
C GLY A 54 -11.95 -2.58 -4.63
N LEU A 55 -11.64 -1.54 -5.34
CA LEU A 55 -10.23 -1.05 -5.38
C LEU A 55 -9.93 -0.23 -4.12
N TYR A 56 -9.45 -0.87 -3.08
CA TYR A 56 -9.14 -0.12 -1.83
C TYR A 56 -7.75 0.52 -1.92
N VAL A 57 -7.69 1.82 -1.95
CA VAL A 57 -6.37 2.50 -2.03
C VAL A 57 -6.18 3.45 -0.85
N LEU A 58 -5.00 3.51 -0.30
CA LEU A 58 -4.77 4.41 0.86
C LEU A 58 -3.27 4.74 0.99
N CYS A 59 -2.93 6.00 1.05
CA CYS A 59 -1.50 6.37 1.18
C CYS A 59 -1.16 6.69 2.63
N CYS A 60 -0.18 6.04 3.19
CA CYS A 60 0.19 6.31 4.61
C CYS A 60 1.53 7.06 4.68
N THR A 61 1.80 7.68 5.79
CA THR A 61 3.08 8.42 5.94
C THR A 61 3.39 8.66 7.43
N THR A 62 3.55 7.61 8.19
CA THR A 62 3.85 7.80 9.64
C THR A 62 4.31 6.48 10.27
N ASP A 63 5.57 6.17 10.17
CA ASP A 63 6.10 4.91 10.77
C ASP A 63 5.41 3.69 10.16
N ASP A 64 6.13 2.60 10.02
CA ASP A 64 5.54 1.36 9.44
C ASP A 64 5.01 1.62 8.02
N CYS A 65 3.91 2.31 7.87
CA CYS A 65 3.38 2.57 6.52
C CYS A 65 3.98 3.87 5.97
N ASN A 66 5.16 4.22 6.39
CA ASN A 66 5.80 5.47 5.90
C ASN A 66 5.57 5.63 4.39
N MET A 1 12.75 7.12 8.91
CA MET A 1 11.42 6.93 8.26
C MET A 1 11.52 5.83 7.19
N LYS A 2 10.87 4.71 7.42
CA LYS A 2 10.93 3.61 6.41
C LYS A 2 9.55 2.96 6.27
N CYS A 3 9.30 2.32 5.16
CA CYS A 3 7.98 1.67 4.96
C CYS A 3 8.15 0.19 4.62
N LYS A 4 7.58 -0.68 5.41
CA LYS A 4 7.72 -2.15 5.14
C LYS A 4 6.76 -2.57 4.02
N ILE A 5 7.28 -3.03 2.92
CA ILE A 5 6.40 -3.45 1.79
C ILE A 5 6.20 -4.97 1.80
N CYS A 6 4.99 -5.41 1.60
CA CYS A 6 4.71 -6.88 1.58
C CYS A 6 3.39 -7.15 0.86
N ASN A 7 3.23 -8.31 0.29
CA ASN A 7 1.95 -8.60 -0.43
C ASN A 7 1.71 -10.12 -0.49
N PHE A 8 1.10 -10.58 -1.55
CA PHE A 8 0.81 -12.03 -1.69
C PHE A 8 -0.30 -12.46 -0.73
N ASP A 9 -1.46 -11.87 -0.86
CA ASP A 9 -2.59 -12.23 0.02
C ASP A 9 -2.20 -12.08 1.50
N THR A 10 -1.14 -11.37 1.78
CA THR A 10 -0.73 -11.19 3.20
C THR A 10 0.55 -10.35 3.29
N CYS A 11 1.07 -10.16 4.47
CA CYS A 11 2.31 -9.36 4.62
C CYS A 11 3.48 -10.27 5.01
N ARG A 12 3.61 -11.39 4.34
CA ARG A 12 4.72 -12.32 4.67
C ARG A 12 6.03 -11.81 4.06
N ALA A 13 5.97 -10.72 3.34
CA ALA A 13 7.21 -10.17 2.72
C ALA A 13 7.90 -9.20 3.69
N GLY A 14 9.02 -8.66 3.31
CA GLY A 14 9.74 -7.71 4.20
C GLY A 14 10.50 -6.69 3.36
N GLU A 15 9.90 -6.23 2.30
CA GLU A 15 10.60 -5.23 1.44
C GLU A 15 10.45 -3.84 2.04
N LEU A 16 11.10 -3.57 3.14
CA LEU A 16 10.98 -2.23 3.76
C LEU A 16 12.01 -1.27 3.15
N LYS A 17 11.63 -0.03 2.98
CA LYS A 17 12.56 0.97 2.40
C LYS A 17 12.23 2.36 2.93
N VAL A 18 12.24 3.35 2.09
CA VAL A 18 11.91 4.73 2.55
C VAL A 18 10.73 5.30 1.75
N CYS A 19 9.94 6.14 2.36
CA CYS A 19 8.78 6.72 1.64
C CYS A 19 8.56 8.18 2.08
N ALA A 20 8.14 8.39 3.29
CA ALA A 20 7.91 9.79 3.77
C ALA A 20 9.24 10.56 3.77
N SER A 21 9.66 11.03 2.63
CA SER A 21 10.95 11.79 2.56
C SER A 21 10.86 12.86 1.47
N GLY A 22 9.69 13.13 0.98
CA GLY A 22 9.55 14.17 -0.09
C GLY A 22 8.21 14.00 -0.79
N GLU A 23 7.13 14.26 -0.11
CA GLU A 23 5.78 14.11 -0.73
C GLU A 23 5.60 12.68 -1.26
N LYS A 24 5.73 11.71 -0.41
CA LYS A 24 5.56 10.29 -0.86
C LYS A 24 4.97 9.45 0.27
N TYR A 25 3.69 9.20 0.23
CA TYR A 25 3.05 8.38 1.31
C TYR A 25 2.86 6.94 0.84
N CYS A 26 3.04 5.99 1.72
CA CYS A 26 2.86 4.56 1.33
C CYS A 26 1.37 4.28 1.14
N PHE A 27 0.97 3.92 -0.05
CA PHE A 27 -0.48 3.64 -0.29
C PHE A 27 -0.73 2.15 -0.49
N LYS A 28 -1.53 1.55 0.34
CA LYS A 28 -1.83 0.10 0.20
C LYS A 28 -3.11 -0.09 -0.62
N GLU A 29 -3.02 -0.74 -1.74
CA GLU A 29 -4.24 -0.95 -2.57
C GLU A 29 -4.65 -2.42 -2.60
N SER A 30 -5.70 -2.77 -1.92
CA SER A 30 -6.15 -4.19 -1.91
C SER A 30 -7.33 -4.37 -2.86
N TRP A 31 -7.07 -4.84 -4.05
CA TRP A 31 -8.18 -5.03 -5.04
C TRP A 31 -8.95 -6.32 -4.73
N ARG A 32 -10.22 -6.34 -4.99
CA ARG A 32 -11.03 -7.56 -4.71
C ARG A 32 -10.94 -8.53 -5.89
N GLU A 33 -10.65 -9.78 -5.62
CA GLU A 33 -10.55 -10.78 -6.72
C GLU A 33 -11.61 -11.87 -6.54
N ALA A 34 -12.15 -12.36 -7.63
CA ALA A 34 -13.20 -13.42 -7.52
C ALA A 34 -12.65 -14.64 -6.80
N ARG A 35 -11.35 -14.78 -6.72
CA ARG A 35 -10.76 -15.95 -6.04
C ARG A 35 -10.23 -15.55 -4.66
N GLY A 36 -9.97 -14.28 -4.46
CA GLY A 36 -9.44 -13.83 -3.14
C GLY A 36 -9.26 -12.31 -3.16
N THR A 37 -8.12 -11.83 -2.73
CA THR A 37 -7.89 -10.35 -2.72
C THR A 37 -6.42 -10.06 -3.02
N ARG A 38 -6.15 -9.07 -3.83
CA ARG A 38 -4.73 -8.74 -4.14
C ARG A 38 -4.31 -7.47 -3.39
N ILE A 39 -3.44 -7.61 -2.42
CA ILE A 39 -2.99 -6.43 -1.64
C ILE A 39 -1.69 -5.87 -2.24
N GLU A 40 -1.73 -4.66 -2.72
CA GLU A 40 -0.49 -4.05 -3.31
C GLU A 40 0.02 -2.91 -2.44
N ARG A 41 1.30 -2.65 -2.48
CA ARG A 41 1.85 -1.53 -1.65
C ARG A 41 2.88 -0.73 -2.47
N GLY A 42 3.34 0.37 -1.94
CA GLY A 42 4.34 1.18 -2.68
C GLY A 42 4.38 2.59 -2.09
N CYS A 43 4.57 3.59 -2.91
CA CYS A 43 4.63 4.99 -2.40
C CYS A 43 4.17 5.96 -3.48
N ALA A 44 3.19 6.78 -3.20
CA ALA A 44 2.70 7.75 -4.21
C ALA A 44 2.29 9.06 -3.54
N ALA A 45 1.83 10.01 -4.30
CA ALA A 45 1.40 11.31 -3.70
C ALA A 45 -0.06 11.61 -4.05
N THR A 46 -0.66 10.78 -4.85
CA THR A 46 -2.09 11.01 -5.23
C THR A 46 -2.99 10.02 -4.48
N CYS A 47 -2.56 8.80 -4.34
CA CYS A 47 -3.39 7.79 -3.62
C CYS A 47 -4.86 7.94 -3.99
N PRO A 48 -5.22 7.37 -5.11
CA PRO A 48 -6.62 7.44 -5.60
C PRO A 48 -7.55 6.56 -4.75
N LYS A 49 -8.82 6.58 -5.02
CA LYS A 49 -9.77 5.74 -4.23
C LYS A 49 -10.01 4.42 -4.94
N GLY A 50 -11.13 3.79 -4.69
CA GLY A 50 -11.43 2.49 -5.35
C GLY A 50 -12.34 2.73 -6.56
N SER A 51 -12.96 1.70 -7.06
CA SER A 51 -13.86 1.86 -8.24
C SER A 51 -14.99 0.83 -8.19
N VAL A 52 -15.77 0.74 -9.24
CA VAL A 52 -16.89 -0.24 -9.25
C VAL A 52 -16.43 -1.58 -8.68
N TYR A 53 -15.19 -1.94 -8.89
CA TYR A 53 -14.68 -3.23 -8.36
C TYR A 53 -14.80 -3.26 -6.84
N GLY A 54 -13.98 -2.51 -6.15
CA GLY A 54 -14.04 -2.49 -4.67
C GLY A 54 -12.67 -2.86 -4.09
N LEU A 55 -11.78 -1.91 -4.03
CA LEU A 55 -10.42 -2.19 -3.48
C LEU A 55 -10.20 -1.38 -2.20
N TYR A 56 -9.08 -1.58 -1.55
CA TYR A 56 -8.80 -0.82 -0.30
C TYR A 56 -7.54 0.05 -0.47
N VAL A 57 -7.71 1.34 -0.46
CA VAL A 57 -6.52 2.24 -0.61
C VAL A 57 -6.21 2.95 0.70
N LEU A 58 -5.06 2.67 1.27
CA LEU A 58 -4.69 3.34 2.55
C LEU A 58 -3.35 4.07 2.40
N CYS A 59 -3.36 5.36 2.55
CA CYS A 59 -2.08 6.14 2.40
C CYS A 59 -1.56 6.52 3.79
N CYS A 60 -0.28 6.32 4.01
CA CYS A 60 0.29 6.69 5.34
C CYS A 60 1.66 7.36 5.16
N THR A 61 2.03 8.23 6.07
CA THR A 61 3.34 8.93 5.94
C THR A 61 3.81 9.41 7.31
N THR A 62 4.54 8.61 8.02
CA THR A 62 5.04 9.03 9.37
C THR A 62 5.92 7.94 9.98
N ASP A 63 5.51 6.70 9.88
CA ASP A 63 6.33 5.59 10.45
C ASP A 63 5.69 4.24 10.11
N ASP A 64 6.48 3.22 9.97
CA ASP A 64 5.91 1.87 9.64
C ASP A 64 5.16 1.91 8.30
N CYS A 65 4.00 2.52 8.25
CA CYS A 65 3.26 2.60 6.95
C CYS A 65 3.59 3.91 6.24
N ASN A 66 4.60 4.58 6.69
CA ASN A 66 4.99 5.88 6.06
C ASN A 66 5.14 5.70 4.54
N MET A 1 12.12 6.66 10.30
CA MET A 1 11.16 6.94 9.19
C MET A 1 11.28 5.89 8.08
N LYS A 2 10.34 5.00 7.99
CA LYS A 2 10.41 3.95 6.93
C LYS A 2 9.03 3.35 6.68
N CYS A 3 8.95 2.29 5.93
CA CYS A 3 7.63 1.66 5.64
C CYS A 3 7.78 0.14 5.44
N LYS A 4 6.94 -0.63 6.07
CA LYS A 4 7.02 -2.11 5.90
C LYS A 4 6.37 -2.54 4.59
N ILE A 5 6.87 -3.59 3.98
CA ILE A 5 6.28 -4.06 2.69
C ILE A 5 6.08 -5.58 2.72
N CYS A 6 4.94 -6.04 2.28
CA CYS A 6 4.67 -7.51 2.29
C CYS A 6 3.40 -7.80 1.48
N ASN A 7 3.50 -8.59 0.45
CA ASN A 7 2.28 -8.89 -0.37
C ASN A 7 2.26 -10.38 -0.76
N PHE A 8 1.92 -10.67 -1.99
CA PHE A 8 1.87 -12.10 -2.44
C PHE A 8 0.74 -12.85 -1.72
N ASP A 9 -0.47 -12.40 -1.86
CA ASP A 9 -1.61 -13.07 -1.18
C ASP A 9 -1.47 -13.00 0.34
N THR A 10 -0.52 -12.25 0.83
CA THR A 10 -0.33 -12.13 2.30
C THR A 10 0.88 -11.25 2.61
N CYS A 11 1.64 -11.59 3.61
CA CYS A 11 2.84 -10.77 3.95
C CYS A 11 3.99 -11.68 4.41
N ARG A 12 4.45 -12.55 3.55
CA ARG A 12 5.56 -13.46 3.93
C ARG A 12 6.89 -12.72 3.87
N ALA A 13 6.91 -11.55 3.29
CA ALA A 13 8.18 -10.78 3.20
C ALA A 13 8.41 -9.96 4.47
N GLY A 14 7.59 -8.98 4.71
CA GLY A 14 7.76 -8.15 5.93
C GLY A 14 9.06 -7.36 5.84
N GLU A 15 9.35 -6.82 4.68
CA GLU A 15 10.62 -6.04 4.52
C GLU A 15 10.28 -4.55 4.47
N LEU A 16 10.90 -3.76 5.31
CA LEU A 16 10.60 -2.30 5.30
C LEU A 16 11.55 -1.55 4.37
N LYS A 17 11.28 -0.29 4.15
CA LYS A 17 12.16 0.52 3.26
C LYS A 17 11.94 2.01 3.54
N VAL A 18 12.21 2.84 2.58
CA VAL A 18 12.01 4.31 2.81
C VAL A 18 11.39 4.95 1.57
N CYS A 19 10.47 5.86 1.75
CA CYS A 19 9.82 6.52 0.58
C CYS A 19 9.10 7.80 1.04
N ALA A 20 9.74 8.60 1.84
CA ALA A 20 9.09 9.86 2.31
C ALA A 20 10.16 10.92 2.61
N SER A 21 11.07 11.12 1.71
CA SER A 21 12.14 12.14 1.93
C SER A 21 11.74 13.47 1.29
N GLY A 22 10.84 13.44 0.35
CA GLY A 22 10.41 14.70 -0.32
C GLY A 22 8.89 14.84 -0.21
N GLU A 23 8.16 14.10 -1.02
CA GLU A 23 6.68 14.19 -0.98
C GLU A 23 6.06 12.88 -1.47
N LYS A 24 6.31 11.81 -0.78
CA LYS A 24 5.74 10.50 -1.22
C LYS A 24 5.21 9.72 0.00
N TYR A 25 3.95 9.41 0.00
CA TYR A 25 3.37 8.65 1.15
C TYR A 25 3.21 7.17 0.78
N CYS A 26 3.24 6.30 1.75
CA CYS A 26 3.08 4.85 1.45
C CYS A 26 1.63 4.58 1.02
N PHE A 27 1.36 4.58 -0.25
CA PHE A 27 -0.02 4.33 -0.73
C PHE A 27 -0.27 2.83 -0.88
N LYS A 28 -1.34 2.34 -0.32
CA LYS A 28 -1.66 0.89 -0.43
C LYS A 28 -3.04 0.71 -1.04
N GLU A 29 -3.17 -0.14 -2.04
CA GLU A 29 -4.49 -0.35 -2.68
C GLU A 29 -4.88 -1.83 -2.62
N SER A 30 -5.94 -2.16 -1.95
CA SER A 30 -6.37 -3.58 -1.87
C SER A 30 -7.44 -3.87 -2.92
N TRP A 31 -7.15 -4.73 -3.87
CA TRP A 31 -8.15 -5.05 -4.93
C TRP A 31 -8.88 -6.35 -4.60
N ARG A 32 -10.16 -6.41 -4.85
CA ARG A 32 -10.93 -7.64 -4.56
C ARG A 32 -11.39 -8.30 -5.86
N GLU A 33 -10.86 -9.46 -6.17
CA GLU A 33 -11.27 -10.14 -7.43
C GLU A 33 -12.18 -11.33 -7.12
N ALA A 34 -12.70 -11.97 -8.13
CA ALA A 34 -13.59 -13.14 -7.90
C ALA A 34 -12.76 -14.39 -7.57
N ARG A 35 -11.57 -14.47 -8.08
CA ARG A 35 -10.71 -15.65 -7.80
C ARG A 35 -9.99 -15.49 -6.45
N GLY A 36 -10.20 -14.38 -5.80
CA GLY A 36 -9.52 -14.15 -4.49
C GLY A 36 -9.34 -12.65 -4.27
N THR A 37 -8.20 -12.25 -3.77
CA THR A 37 -7.96 -10.79 -3.53
C THR A 37 -6.46 -10.50 -3.50
N ARG A 38 -6.07 -9.28 -3.73
CA ARG A 38 -4.62 -8.92 -3.71
C ARG A 38 -4.44 -7.43 -3.49
N ILE A 39 -3.41 -7.03 -2.78
CA ILE A 39 -3.20 -5.57 -2.53
C ILE A 39 -1.92 -5.10 -3.23
N GLU A 40 -1.71 -3.80 -3.29
CA GLU A 40 -0.48 -3.27 -3.94
C GLU A 40 0.04 -2.06 -3.17
N ARG A 41 1.31 -2.03 -2.89
CA ARG A 41 1.88 -0.87 -2.13
C ARG A 41 2.96 -0.18 -2.97
N GLY A 42 3.78 0.62 -2.34
CA GLY A 42 4.86 1.32 -3.09
C GLY A 42 5.03 2.74 -2.54
N CYS A 43 5.13 3.72 -3.39
CA CYS A 43 5.30 5.11 -2.91
C CYS A 43 4.53 6.08 -3.81
N ALA A 44 3.53 6.74 -3.28
CA ALA A 44 2.74 7.69 -4.11
C ALA A 44 2.04 8.71 -3.22
N ALA A 45 1.24 9.56 -3.80
CA ALA A 45 0.51 10.58 -2.99
C ALA A 45 -0.81 10.96 -3.67
N THR A 46 -1.26 10.14 -4.58
CA THR A 46 -2.54 10.44 -5.28
C THR A 46 -3.71 9.71 -4.62
N CYS A 47 -3.44 8.55 -4.06
CA CYS A 47 -4.51 7.77 -3.39
C CYS A 47 -5.84 7.92 -4.13
N PRO A 48 -6.02 7.13 -5.15
CA PRO A 48 -7.25 7.17 -5.96
C PRO A 48 -8.42 6.56 -5.18
N LYS A 49 -9.52 6.30 -5.83
CA LYS A 49 -10.69 5.71 -5.12
C LYS A 49 -10.94 4.28 -5.62
N GLY A 50 -11.95 3.63 -5.12
CA GLY A 50 -12.24 2.24 -5.56
C GLY A 50 -13.61 2.19 -6.22
N SER A 51 -14.24 1.04 -6.23
CA SER A 51 -15.59 0.94 -6.85
C SER A 51 -16.31 -0.32 -6.35
N VAL A 52 -17.33 -0.74 -7.03
CA VAL A 52 -18.07 -1.96 -6.58
C VAL A 52 -17.11 -3.16 -6.50
N TYR A 53 -16.11 -3.20 -7.34
CA TYR A 53 -15.15 -4.33 -7.30
C TYR A 53 -14.54 -4.46 -5.90
N GLY A 54 -14.23 -3.36 -5.28
CA GLY A 54 -13.63 -3.42 -3.92
C GLY A 54 -12.19 -2.90 -3.97
N LEU A 55 -12.02 -1.63 -4.21
CA LEU A 55 -10.64 -1.06 -4.27
C LEU A 55 -10.37 -0.21 -3.03
N TYR A 56 -9.73 -0.76 -2.04
CA TYR A 56 -9.43 0.04 -0.81
C TYR A 56 -8.13 0.83 -1.00
N VAL A 57 -8.22 2.13 -0.96
CA VAL A 57 -6.99 2.96 -1.13
C VAL A 57 -6.63 3.67 0.18
N LEU A 58 -5.40 3.57 0.60
CA LEU A 58 -5.00 4.24 1.88
C LEU A 58 -3.51 4.56 1.87
N CYS A 59 -3.15 5.80 2.05
CA CYS A 59 -1.70 6.17 2.05
C CYS A 59 -1.28 6.62 3.46
N CYS A 60 -0.11 6.28 3.88
CA CYS A 60 0.34 6.68 5.25
C CYS A 60 1.67 7.45 5.18
N THR A 61 2.07 8.05 6.26
CA THR A 61 3.34 8.81 6.27
C THR A 61 3.95 8.85 7.68
N THR A 62 5.24 9.08 7.77
CA THR A 62 5.92 9.16 9.11
C THR A 62 5.84 7.83 9.88
N ASP A 63 6.87 7.52 10.63
CA ASP A 63 6.91 6.26 11.44
C ASP A 63 6.18 5.11 10.74
N ASP A 64 6.90 4.21 10.13
CA ASP A 64 6.23 3.05 9.44
C ASP A 64 5.27 3.56 8.36
N CYS A 65 4.15 4.12 8.73
CA CYS A 65 3.21 4.64 7.71
C CYS A 65 3.98 5.39 6.62
N ASN A 66 5.14 5.89 6.95
CA ASN A 66 5.97 6.63 5.94
C ASN A 66 5.81 6.03 4.54
N MET A 1 10.12 5.78 10.58
CA MET A 1 9.75 6.38 9.25
C MET A 1 10.22 5.48 8.11
N LYS A 2 9.56 4.36 7.93
CA LYS A 2 9.97 3.43 6.83
C LYS A 2 8.73 2.88 6.12
N CYS A 3 8.90 1.88 5.30
CA CYS A 3 7.73 1.29 4.59
C CYS A 3 7.96 -0.19 4.31
N LYS A 4 7.20 -1.04 4.94
CA LYS A 4 7.38 -2.51 4.73
C LYS A 4 6.55 -3.00 3.54
N ILE A 5 7.14 -3.75 2.66
CA ILE A 5 6.38 -4.28 1.49
C ILE A 5 6.06 -5.76 1.69
N CYS A 6 4.82 -6.10 1.87
CA CYS A 6 4.46 -7.53 2.08
C CYS A 6 3.21 -7.89 1.27
N ASN A 7 2.57 -8.99 1.59
CA ASN A 7 1.35 -9.39 0.85
C ASN A 7 0.10 -9.03 1.65
N PHE A 8 -1.07 -9.35 1.15
CA PHE A 8 -2.31 -9.01 1.90
C PHE A 8 -2.31 -9.69 3.26
N ASP A 9 -1.97 -8.95 4.30
CA ASP A 9 -1.94 -9.52 5.69
C ASP A 9 -0.71 -10.41 5.90
N THR A 10 -0.35 -11.21 4.93
CA THR A 10 0.84 -12.09 5.11
C THR A 10 2.11 -11.36 4.66
N CYS A 11 3.23 -11.69 5.25
CA CYS A 11 4.50 -11.02 4.85
C CYS A 11 5.42 -12.02 4.15
N ARG A 12 4.99 -12.56 3.05
CA ARG A 12 5.84 -13.55 2.32
C ARG A 12 7.04 -12.85 1.67
N ALA A 13 6.99 -11.55 1.58
CA ALA A 13 8.13 -10.81 0.95
C ALA A 13 9.02 -10.20 2.04
N GLY A 14 8.50 -9.26 2.79
CA GLY A 14 9.32 -8.63 3.86
C GLY A 14 10.28 -7.61 3.24
N GLU A 15 9.83 -6.89 2.26
CA GLU A 15 10.73 -5.88 1.61
C GLU A 15 10.45 -4.49 2.20
N LEU A 16 11.03 -4.18 3.33
CA LEU A 16 10.79 -2.84 3.94
C LEU A 16 11.98 -1.92 3.70
N LYS A 17 11.71 -0.66 3.46
CA LYS A 17 12.81 0.30 3.21
C LYS A 17 12.39 1.69 3.72
N VAL A 18 12.73 2.71 2.99
CA VAL A 18 12.35 4.09 3.44
C VAL A 18 11.45 4.75 2.40
N CYS A 19 11.11 5.99 2.61
CA CYS A 19 10.23 6.70 1.64
C CYS A 19 9.88 8.10 2.16
N ALA A 20 8.86 8.70 1.61
CA ALA A 20 8.47 10.07 2.08
C ALA A 20 9.69 10.98 2.17
N SER A 21 10.65 10.79 1.30
CA SER A 21 11.87 11.64 1.33
C SER A 21 11.48 13.11 1.56
N GLY A 22 10.30 13.48 1.14
CA GLY A 22 9.85 14.89 1.33
C GLY A 22 8.33 14.97 1.25
N GLU A 23 7.80 15.09 0.06
CA GLU A 23 6.31 15.17 -0.09
C GLU A 23 5.77 13.82 -0.58
N LYS A 24 6.56 12.79 -0.50
CA LYS A 24 6.09 11.44 -0.95
C LYS A 24 5.32 10.76 0.17
N TYR A 25 4.27 10.05 -0.17
CA TYR A 25 3.45 9.35 0.87
C TYR A 25 3.43 7.86 0.60
N CYS A 26 3.50 7.05 1.64
CA CYS A 26 3.47 5.58 1.43
C CYS A 26 2.01 5.12 1.34
N PHE A 27 1.60 4.66 0.18
CA PHE A 27 0.18 4.20 0.03
C PHE A 27 0.12 2.69 -0.19
N LYS A 28 -1.03 2.11 0.01
CA LYS A 28 -1.18 0.64 -0.20
C LYS A 28 -2.49 0.36 -0.94
N GLU A 29 -2.40 -0.16 -2.14
CA GLU A 29 -3.64 -0.46 -2.91
C GLU A 29 -3.97 -1.94 -2.83
N SER A 30 -5.07 -2.35 -3.38
CA SER A 30 -5.44 -3.80 -3.34
C SER A 30 -6.41 -4.13 -4.48
N TRP A 31 -6.41 -5.35 -4.93
CA TRP A 31 -7.33 -5.75 -6.03
C TRP A 31 -8.38 -6.74 -5.51
N ARG A 32 -9.63 -6.37 -5.55
CA ARG A 32 -10.69 -7.29 -5.05
C ARG A 32 -11.39 -7.97 -6.24
N GLU A 33 -11.24 -9.25 -6.36
CA GLU A 33 -11.89 -9.97 -7.49
C GLU A 33 -12.74 -11.13 -6.96
N ALA A 34 -13.07 -12.07 -7.79
CA ALA A 34 -13.90 -13.23 -7.33
C ALA A 34 -13.04 -14.48 -7.21
N ARG A 35 -11.75 -14.35 -7.35
CA ARG A 35 -10.86 -15.54 -7.26
C ARG A 35 -9.71 -15.28 -6.30
N GLY A 36 -9.73 -14.16 -5.62
CA GLY A 36 -8.64 -13.84 -4.66
C GLY A 36 -8.34 -12.33 -4.70
N THR A 37 -7.89 -11.78 -3.61
CA THR A 37 -7.58 -10.32 -3.59
C THR A 37 -6.07 -10.11 -3.55
N ARG A 38 -5.61 -8.99 -4.05
CA ARG A 38 -4.14 -8.72 -4.05
C ARG A 38 -3.85 -7.36 -3.39
N ILE A 39 -2.61 -7.10 -3.08
CA ILE A 39 -2.26 -5.80 -2.43
C ILE A 39 -0.98 -5.23 -3.04
N GLU A 40 -0.92 -3.94 -3.20
CA GLU A 40 0.30 -3.33 -3.79
C GLU A 40 0.87 -2.24 -2.87
N ARG A 41 2.15 -2.19 -2.70
CA ARG A 41 2.76 -1.16 -1.83
C ARG A 41 3.54 -0.14 -2.65
N GLY A 42 4.18 0.81 -2.02
CA GLY A 42 4.96 1.82 -2.77
C GLY A 42 4.69 3.20 -2.19
N CYS A 43 5.34 4.22 -2.70
CA CYS A 43 5.13 5.60 -2.18
C CYS A 43 4.80 6.56 -3.33
N ALA A 44 3.68 7.23 -3.24
CA ALA A 44 3.31 8.19 -4.32
C ALA A 44 2.59 9.40 -3.73
N ALA A 45 1.91 10.15 -4.55
CA ALA A 45 1.18 11.35 -4.03
C ALA A 45 -0.25 11.37 -4.56
N THR A 46 -0.61 10.41 -5.37
CA THR A 46 -2.00 10.37 -5.91
C THR A 46 -2.83 9.33 -5.16
N CYS A 47 -3.96 9.73 -4.63
CA CYS A 47 -4.81 8.76 -3.88
C CYS A 47 -6.13 8.54 -4.62
N PRO A 48 -6.11 7.60 -5.52
CA PRO A 48 -7.31 7.27 -6.31
C PRO A 48 -8.34 6.54 -5.44
N LYS A 49 -9.41 6.06 -6.03
CA LYS A 49 -10.44 5.33 -5.25
C LYS A 49 -10.83 4.03 -5.95
N GLY A 50 -11.88 3.40 -5.53
CA GLY A 50 -12.31 2.13 -6.18
C GLY A 50 -13.84 2.07 -6.22
N SER A 51 -14.39 0.89 -6.16
CA SER A 51 -15.87 0.75 -6.19
C SER A 51 -16.37 0.00 -4.95
N VAL A 52 -17.63 -0.31 -4.91
CA VAL A 52 -18.18 -1.05 -3.72
C VAL A 52 -17.34 -2.29 -3.45
N TYR A 53 -16.59 -2.75 -4.42
CA TYR A 53 -15.75 -3.96 -4.20
C TYR A 53 -14.90 -4.24 -5.44
N GLY A 54 -13.98 -3.36 -5.74
CA GLY A 54 -13.11 -3.58 -6.94
C GLY A 54 -11.64 -3.50 -6.53
N LEU A 55 -11.26 -2.44 -5.87
CA LEU A 55 -9.84 -2.30 -5.45
C LEU A 55 -9.73 -1.35 -4.25
N TYR A 56 -8.67 -1.46 -3.50
CA TYR A 56 -8.51 -0.55 -2.32
C TYR A 56 -7.30 0.36 -2.51
N VAL A 57 -7.24 1.44 -1.80
CA VAL A 57 -6.07 2.37 -1.94
C VAL A 57 -5.99 3.30 -0.73
N LEU A 58 -4.98 3.13 0.09
CA LEU A 58 -4.85 4.01 1.29
C LEU A 58 -3.51 4.76 1.24
N CYS A 59 -3.49 6.00 1.65
CA CYS A 59 -2.21 6.76 1.63
C CYS A 59 -1.74 7.06 3.05
N CYS A 60 -0.45 7.05 3.28
CA CYS A 60 0.07 7.34 4.65
C CYS A 60 1.53 7.78 4.58
N THR A 61 2.24 7.64 5.66
CA THR A 61 3.67 8.04 5.66
C THR A 61 4.46 7.15 6.63
N THR A 62 5.76 7.28 6.65
CA THR A 62 6.59 6.44 7.56
C THR A 62 6.11 4.98 7.53
N ASP A 63 6.52 4.19 8.49
CA ASP A 63 6.13 2.76 8.52
C ASP A 63 4.60 2.60 8.38
N ASP A 64 4.16 2.13 7.24
CA ASP A 64 2.69 1.94 7.01
C ASP A 64 1.90 3.23 7.26
N CYS A 65 1.75 3.64 8.49
CA CYS A 65 0.99 4.90 8.77
C CYS A 65 1.61 5.60 9.99
N ASN A 66 2.84 5.29 10.29
CA ASN A 66 3.52 5.91 11.46
C ASN A 66 3.14 7.39 11.57
N MET A 1 12.74 7.22 8.43
CA MET A 1 11.76 7.38 7.32
C MET A 1 11.74 6.13 6.44
N LYS A 2 11.18 5.06 6.93
CA LYS A 2 11.12 3.80 6.12
C LYS A 2 9.68 3.27 6.08
N CYS A 3 9.41 2.35 5.21
CA CYS A 3 8.03 1.79 5.13
C CYS A 3 8.09 0.28 4.88
N LYS A 4 7.36 -0.50 5.65
CA LYS A 4 7.38 -1.97 5.46
C LYS A 4 6.32 -2.38 4.43
N ILE A 5 6.69 -3.18 3.47
CA ILE A 5 5.71 -3.62 2.44
C ILE A 5 5.65 -5.16 2.38
N CYS A 6 4.53 -5.70 2.02
CA CYS A 6 4.42 -7.19 1.94
C CYS A 6 3.10 -7.58 1.25
N ASN A 7 3.05 -8.74 0.66
CA ASN A 7 1.80 -9.17 -0.02
C ASN A 7 1.60 -10.69 0.11
N PHE A 8 1.05 -11.31 -0.88
CA PHE A 8 0.83 -12.78 -0.80
C PHE A 8 -0.24 -13.11 0.24
N ASP A 9 -1.43 -12.59 0.08
CA ASP A 9 -2.53 -12.86 1.06
C ASP A 9 -2.33 -12.08 2.36
N THR A 10 -1.13 -11.98 2.86
CA THR A 10 -0.92 -11.23 4.13
C THR A 10 0.48 -10.60 4.14
N CYS A 11 0.99 -10.28 5.31
CA CYS A 11 2.34 -9.64 5.38
C CYS A 11 3.39 -10.68 5.77
N ARG A 12 3.68 -11.60 4.89
CA ARG A 12 4.70 -12.65 5.20
C ARG A 12 6.02 -12.32 4.51
N ALA A 13 6.03 -11.31 3.67
CA ALA A 13 7.28 -10.94 2.96
C ALA A 13 8.19 -10.13 3.88
N GLY A 14 7.72 -9.01 4.37
CA GLY A 14 8.56 -8.18 5.28
C GLY A 14 9.56 -7.37 4.45
N GLU A 15 9.14 -6.86 3.32
CA GLU A 15 10.06 -6.06 2.47
C GLU A 15 9.88 -4.57 2.75
N LEU A 16 10.72 -4.00 3.57
CA LEU A 16 10.59 -2.55 3.88
C LEU A 16 11.63 -1.74 3.09
N LYS A 17 11.35 -0.49 2.82
CA LYS A 17 12.33 0.34 2.07
C LYS A 17 12.17 1.82 2.45
N VAL A 18 12.70 2.71 1.67
CA VAL A 18 12.59 4.16 1.99
C VAL A 18 11.94 4.90 0.83
N CYS A 19 11.14 5.90 1.12
CA CYS A 19 10.49 6.68 0.02
C CYS A 19 9.85 7.95 0.58
N ALA A 20 9.30 7.88 1.76
CA ALA A 20 8.66 9.08 2.36
C ALA A 20 9.73 10.11 2.74
N SER A 21 10.52 10.54 1.79
CA SER A 21 11.57 11.55 2.09
C SER A 21 11.04 12.96 1.87
N GLY A 22 10.02 13.11 1.05
CA GLY A 22 9.46 14.46 0.78
C GLY A 22 7.94 14.38 0.80
N GLU A 23 7.35 14.00 -0.30
CA GLU A 23 5.86 13.90 -0.35
C GLU A 23 5.43 12.56 -0.96
N LYS A 24 5.54 11.50 -0.22
CA LYS A 24 5.15 10.17 -0.76
C LYS A 24 4.61 9.28 0.37
N TYR A 25 3.32 9.23 0.53
CA TYR A 25 2.73 8.37 1.61
C TYR A 25 2.62 6.93 1.12
N CYS A 26 2.87 5.98 1.98
CA CYS A 26 2.75 4.55 1.54
C CYS A 26 1.30 4.25 1.15
N PHE A 27 1.03 4.23 -0.13
CA PHE A 27 -0.37 3.96 -0.57
C PHE A 27 -0.64 2.45 -0.61
N LYS A 28 -1.61 2.00 0.14
CA LYS A 28 -1.93 0.55 0.14
C LYS A 28 -2.97 0.26 -0.93
N GLU A 29 -2.58 -0.38 -2.00
CA GLU A 29 -3.55 -0.68 -3.09
C GLU A 29 -3.89 -2.17 -3.10
N SER A 30 -5.08 -2.52 -2.67
CA SER A 30 -5.48 -3.96 -2.67
C SER A 30 -6.60 -4.20 -3.69
N TRP A 31 -6.32 -4.94 -4.72
CA TRP A 31 -7.36 -5.20 -5.75
C TRP A 31 -8.23 -6.39 -5.33
N ARG A 32 -9.52 -6.27 -5.46
CA ARG A 32 -10.43 -7.39 -5.08
C ARG A 32 -11.24 -7.86 -6.28
N GLU A 33 -11.79 -9.04 -6.21
CA GLU A 33 -12.60 -9.55 -7.36
C GLU A 33 -13.53 -10.67 -6.90
N ALA A 34 -13.01 -11.85 -6.72
CA ALA A 34 -13.86 -12.99 -6.27
C ALA A 34 -13.07 -14.30 -6.33
N ARG A 35 -12.12 -14.37 -7.23
CA ARG A 35 -11.31 -15.62 -7.34
C ARG A 35 -9.92 -15.41 -6.73
N GLY A 36 -9.63 -14.20 -6.33
CA GLY A 36 -8.29 -13.93 -5.72
C GLY A 36 -8.16 -12.43 -5.45
N THR A 37 -7.10 -12.02 -4.79
CA THR A 37 -6.91 -10.57 -4.50
C THR A 37 -5.47 -10.16 -4.78
N ARG A 38 -5.23 -8.89 -4.95
CA ARG A 38 -3.83 -8.43 -5.23
C ARG A 38 -3.46 -7.28 -4.30
N ILE A 39 -2.93 -7.59 -3.15
CA ILE A 39 -2.54 -6.50 -2.20
C ILE A 39 -1.14 -5.98 -2.53
N GLU A 40 -1.04 -4.71 -2.81
CA GLU A 40 0.30 -4.14 -3.14
C GLU A 40 0.36 -2.66 -2.74
N ARG A 41 1.40 -2.27 -2.06
CA ARG A 41 1.52 -0.84 -1.64
C ARG A 41 2.89 -0.29 -2.05
N GLY A 42 3.09 0.99 -1.90
CA GLY A 42 4.41 1.59 -2.28
C GLY A 42 4.56 2.96 -1.62
N CYS A 43 4.59 4.01 -2.41
CA CYS A 43 4.74 5.37 -1.83
C CYS A 43 4.21 6.42 -2.82
N ALA A 44 3.00 6.87 -2.64
CA ALA A 44 2.44 7.89 -3.57
C ALA A 44 1.70 8.97 -2.79
N ALA A 45 1.08 9.90 -3.47
CA ALA A 45 0.34 10.99 -2.76
C ALA A 45 -0.94 11.34 -3.53
N THR A 46 -1.29 10.54 -4.50
CA THR A 46 -2.54 10.83 -5.28
C THR A 46 -3.72 10.07 -4.69
N CYS A 47 -3.49 8.89 -4.18
CA CYS A 47 -4.58 8.09 -3.56
C CYS A 47 -5.90 8.29 -4.32
N PRO A 48 -6.11 7.46 -5.31
CA PRO A 48 -7.35 7.54 -6.11
C PRO A 48 -8.53 6.97 -5.33
N LYS A 49 -9.61 6.66 -6.00
CA LYS A 49 -10.79 6.10 -5.29
C LYS A 49 -10.92 4.60 -5.58
N GLY A 50 -12.11 4.13 -5.76
CA GLY A 50 -12.30 2.67 -6.04
C GLY A 50 -12.99 1.99 -4.85
N SER A 51 -13.67 0.91 -5.09
CA SER A 51 -14.36 0.21 -3.97
C SER A 51 -15.24 -0.93 -4.53
N VAL A 52 -16.45 -0.62 -4.91
CA VAL A 52 -17.35 -1.67 -5.45
C VAL A 52 -16.58 -2.57 -6.43
N TYR A 53 -15.64 -2.02 -7.15
CA TYR A 53 -14.86 -2.85 -8.11
C TYR A 53 -13.76 -3.63 -7.38
N GLY A 54 -13.25 -3.09 -6.31
CA GLY A 54 -12.18 -3.79 -5.55
C GLY A 54 -10.88 -2.99 -5.65
N LEU A 55 -10.85 -1.83 -5.07
CA LEU A 55 -9.60 -1.00 -5.12
C LEU A 55 -9.36 -0.32 -3.78
N TYR A 56 -8.77 -1.01 -2.84
CA TYR A 56 -8.50 -0.40 -1.51
C TYR A 56 -7.25 0.47 -1.58
N VAL A 57 -7.39 1.75 -1.40
CA VAL A 57 -6.20 2.66 -1.45
C VAL A 57 -6.02 3.37 -0.11
N LEU A 58 -5.03 3.00 0.64
CA LEU A 58 -4.80 3.67 1.96
C LEU A 58 -3.40 4.29 2.02
N CYS A 59 -3.30 5.58 1.89
CA CYS A 59 -1.97 6.23 1.94
C CYS A 59 -1.59 6.58 3.38
N CYS A 60 -0.44 6.16 3.82
CA CYS A 60 -0.01 6.46 5.21
C CYS A 60 1.30 7.26 5.18
N THR A 61 1.63 7.91 6.27
CA THR A 61 2.89 8.70 6.29
C THR A 61 3.45 8.80 7.72
N THR A 62 4.76 8.91 7.84
CA THR A 62 5.39 9.04 9.19
C THR A 62 5.36 7.71 9.97
N ASP A 63 6.47 7.33 10.53
CA ASP A 63 6.55 6.06 11.34
C ASP A 63 5.79 4.92 10.66
N ASP A 64 6.51 3.99 10.08
CA ASP A 64 5.82 2.84 9.41
C ASP A 64 4.91 3.35 8.28
N CYS A 65 3.80 3.95 8.62
CA CYS A 65 2.92 4.51 7.57
C CYS A 65 3.76 5.28 6.55
N ASN A 66 4.89 5.77 6.97
CA ASN A 66 5.77 6.54 6.04
C ASN A 66 6.25 5.63 4.91
N MET A 1 12.70 7.74 8.48
CA MET A 1 11.38 7.17 8.09
C MET A 1 11.57 5.86 7.31
N LYS A 2 10.66 4.93 7.46
CA LYS A 2 10.80 3.64 6.73
C LYS A 2 9.41 3.07 6.40
N CYS A 3 9.34 2.12 5.51
CA CYS A 3 8.03 1.53 5.15
C CYS A 3 8.17 0.02 4.94
N LYS A 4 7.49 -0.78 5.72
CA LYS A 4 7.61 -2.25 5.56
C LYS A 4 6.77 -2.74 4.38
N ILE A 5 7.28 -3.70 3.64
CA ILE A 5 6.52 -4.22 2.47
C ILE A 5 6.47 -5.75 2.52
N CYS A 6 5.29 -6.31 2.59
CA CYS A 6 5.17 -7.80 2.63
C CYS A 6 3.81 -8.24 2.09
N ASN A 7 3.15 -7.39 1.33
CA ASN A 7 1.82 -7.76 0.79
C ASN A 7 0.92 -8.28 1.92
N PHE A 8 0.33 -7.39 2.66
CA PHE A 8 -0.56 -7.83 3.78
C PHE A 8 -1.44 -9.02 3.34
N ASP A 9 -2.06 -9.68 4.28
CA ASP A 9 -2.94 -10.84 3.94
C ASP A 9 -2.10 -12.06 3.53
N THR A 10 -0.80 -11.91 3.48
CA THR A 10 0.08 -13.05 3.11
C THR A 10 1.53 -12.59 2.98
N CYS A 11 2.19 -12.36 4.08
CA CYS A 11 3.61 -11.90 4.02
C CYS A 11 4.40 -12.75 3.03
N ARG A 12 4.53 -12.29 1.81
CA ARG A 12 5.29 -13.08 0.80
C ARG A 12 6.67 -12.44 0.57
N ALA A 13 6.80 -11.19 0.89
CA ALA A 13 8.10 -10.49 0.71
C ALA A 13 8.85 -10.39 2.03
N GLY A 14 8.53 -9.42 2.83
CA GLY A 14 9.22 -9.27 4.14
C GLY A 14 10.38 -8.30 4.00
N GLU A 15 10.22 -7.28 3.20
CA GLU A 15 11.32 -6.28 3.02
C GLU A 15 10.80 -4.87 3.26
N LEU A 16 11.57 -4.03 3.91
CA LEU A 16 11.10 -2.65 4.17
C LEU A 16 11.78 -1.67 3.22
N LYS A 17 11.51 -0.39 3.37
CA LYS A 17 12.13 0.61 2.46
C LYS A 17 12.07 2.00 3.12
N VAL A 18 12.38 3.03 2.39
CA VAL A 18 12.35 4.40 2.98
C VAL A 18 11.42 5.31 2.17
N CYS A 19 10.55 6.02 2.83
CA CYS A 19 9.61 6.93 2.09
C CYS A 19 8.94 7.89 3.06
N ALA A 20 7.74 8.31 2.75
CA ALA A 20 7.02 9.26 3.65
C ALA A 20 7.91 10.48 3.95
N SER A 21 8.78 10.82 3.04
CA SER A 21 9.68 11.98 3.27
C SER A 21 8.84 13.27 3.39
N GLY A 22 8.52 13.88 2.29
CA GLY A 22 7.71 15.14 2.35
C GLY A 22 6.46 14.99 1.48
N GLU A 23 6.61 14.59 0.26
CA GLU A 23 5.42 14.43 -0.63
C GLU A 23 5.31 12.99 -1.13
N LYS A 24 6.15 12.12 -0.65
CA LYS A 24 6.10 10.70 -1.10
C LYS A 24 5.49 9.83 0.01
N TYR A 25 4.27 9.41 -0.15
CA TYR A 25 3.62 8.57 0.90
C TYR A 25 3.53 7.12 0.43
N CYS A 26 3.63 6.18 1.34
CA CYS A 26 3.53 4.74 0.94
C CYS A 26 2.09 4.43 0.54
N PHE A 27 1.85 4.23 -0.73
CA PHE A 27 0.46 3.93 -1.19
C PHE A 27 0.20 2.42 -1.21
N LYS A 28 -0.85 1.99 -0.57
CA LYS A 28 -1.17 0.54 -0.56
C LYS A 28 -2.34 0.27 -1.51
N GLU A 29 -2.10 -0.50 -2.55
CA GLU A 29 -3.20 -0.79 -3.52
C GLU A 29 -3.85 -2.15 -3.20
N SER A 30 -5.04 -2.13 -2.67
CA SER A 30 -5.73 -3.41 -2.35
C SER A 30 -6.92 -3.61 -3.29
N TRP A 31 -6.89 -4.63 -4.10
CA TRP A 31 -8.02 -4.86 -5.04
C TRP A 31 -8.69 -6.22 -4.76
N ARG A 32 -9.97 -6.31 -4.98
CA ARG A 32 -10.69 -7.58 -4.73
C ARG A 32 -11.13 -8.20 -6.05
N GLU A 33 -11.43 -9.48 -6.05
CA GLU A 33 -11.87 -10.14 -7.31
C GLU A 33 -12.49 -11.51 -7.01
N ALA A 34 -12.78 -12.27 -8.02
CA ALA A 34 -13.39 -13.62 -7.79
C ALA A 34 -12.29 -14.63 -7.42
N ARG A 35 -11.19 -14.58 -8.10
CA ARG A 35 -10.08 -15.54 -7.81
C ARG A 35 -9.53 -15.29 -6.40
N GLY A 36 -9.92 -14.21 -5.79
CA GLY A 36 -9.43 -13.91 -4.42
C GLY A 36 -9.05 -12.43 -4.32
N THR A 37 -8.60 -12.00 -3.18
CA THR A 37 -8.21 -10.57 -3.02
C THR A 37 -6.69 -10.44 -3.01
N ARG A 38 -6.17 -9.29 -3.35
CA ARG A 38 -4.69 -9.12 -3.35
C ARG A 38 -4.33 -7.62 -3.30
N ILE A 39 -3.44 -7.25 -2.42
CA ILE A 39 -3.06 -5.82 -2.31
C ILE A 39 -1.54 -5.66 -2.54
N GLU A 40 -1.07 -4.45 -2.59
CA GLU A 40 0.39 -4.24 -2.80
C GLU A 40 0.82 -2.90 -2.18
N ARG A 41 2.10 -2.69 -2.01
CA ARG A 41 2.57 -1.41 -1.41
C ARG A 41 3.37 -0.60 -2.44
N GLY A 42 4.08 0.39 -2.00
CA GLY A 42 4.88 1.21 -2.95
C GLY A 42 5.00 2.64 -2.42
N CYS A 43 5.39 3.57 -3.26
CA CYS A 43 5.52 4.98 -2.80
C CYS A 43 4.87 5.93 -3.82
N ALA A 44 3.80 6.57 -3.44
CA ALA A 44 3.11 7.50 -4.37
C ALA A 44 2.45 8.64 -3.60
N ALA A 45 1.63 9.42 -4.25
CA ALA A 45 0.96 10.55 -3.56
C ALA A 45 -0.29 11.00 -4.32
N THR A 46 -0.79 10.16 -5.19
CA THR A 46 -2.02 10.53 -5.97
C THR A 46 -3.25 9.84 -5.38
N CYS A 47 -3.08 8.69 -4.79
CA CYS A 47 -4.22 7.95 -4.18
C CYS A 47 -5.49 8.12 -5.03
N PRO A 48 -5.66 7.22 -5.96
CA PRO A 48 -6.85 7.27 -6.85
C PRO A 48 -8.11 6.82 -6.09
N LYS A 49 -9.13 6.44 -6.79
CA LYS A 49 -10.38 6.00 -6.12
C LYS A 49 -10.72 4.57 -6.53
N GLY A 50 -11.89 4.09 -6.17
CA GLY A 50 -12.27 2.70 -6.55
C GLY A 50 -13.80 2.55 -6.48
N SER A 51 -14.27 1.38 -6.19
CA SER A 51 -15.74 1.16 -6.09
C SER A 51 -16.10 0.56 -4.74
N VAL A 52 -17.34 0.18 -4.56
CA VAL A 52 -17.74 -0.42 -3.25
C VAL A 52 -16.72 -1.47 -2.81
N TYR A 53 -16.22 -2.24 -3.75
CA TYR A 53 -15.22 -3.29 -3.39
C TYR A 53 -14.46 -3.73 -4.65
N GLY A 54 -13.68 -2.84 -5.23
CA GLY A 54 -12.92 -3.22 -6.45
C GLY A 54 -11.49 -2.67 -6.36
N LEU A 55 -11.34 -1.43 -5.97
CA LEU A 55 -9.98 -0.85 -5.86
C LEU A 55 -9.88 0.03 -4.61
N TYR A 56 -9.18 -0.42 -3.61
CA TYR A 56 -9.04 0.40 -2.37
C TYR A 56 -7.57 0.78 -2.17
N VAL A 57 -7.24 2.03 -2.36
CA VAL A 57 -5.82 2.47 -2.17
C VAL A 57 -5.69 3.34 -0.93
N LEU A 58 -4.67 3.12 -0.16
CA LEU A 58 -4.48 3.95 1.08
C LEU A 58 -3.04 4.46 1.17
N CYS A 59 -2.86 5.75 1.13
CA CYS A 59 -1.47 6.30 1.22
C CYS A 59 -1.15 6.71 2.65
N CYS A 60 0.02 6.39 3.13
CA CYS A 60 0.39 6.76 4.53
C CYS A 60 1.75 7.46 4.54
N THR A 61 2.03 8.22 5.57
CA THR A 61 3.34 8.92 5.65
C THR A 61 3.64 9.29 7.11
N THR A 62 3.71 8.32 7.97
CA THR A 62 4.01 8.62 9.40
C THR A 62 4.89 7.51 10.01
N ASP A 63 4.31 6.38 10.31
CA ASP A 63 5.10 5.27 10.91
C ASP A 63 4.71 3.94 10.26
N ASP A 64 5.67 3.10 9.95
CA ASP A 64 5.35 1.79 9.32
C ASP A 64 4.64 1.99 7.98
N CYS A 65 3.40 2.41 7.97
CA CYS A 65 2.70 2.62 6.67
C CYS A 65 3.36 3.77 5.92
N ASN A 66 4.14 4.57 6.61
CA ASN A 66 4.82 5.72 5.94
C ASN A 66 5.74 5.22 4.82
N MET A 1 9.52 6.96 9.48
CA MET A 1 9.75 7.32 8.05
C MET A 1 10.18 6.08 7.26
N LYS A 2 9.34 5.08 7.18
CA LYS A 2 9.71 3.85 6.41
C LYS A 2 8.46 3.25 5.75
N CYS A 3 8.61 2.15 5.08
CA CYS A 3 7.45 1.52 4.41
C CYS A 3 7.64 0.00 4.32
N LYS A 4 6.89 -0.76 5.06
CA LYS A 4 7.04 -2.24 5.01
C LYS A 4 6.27 -2.81 3.82
N ILE A 5 6.94 -3.47 2.92
CA ILE A 5 6.25 -4.04 1.73
C ILE A 5 6.18 -5.56 1.84
N CYS A 6 5.04 -6.14 1.60
CA CYS A 6 4.91 -7.62 1.70
C CYS A 6 3.95 -8.13 0.61
N ASN A 7 3.49 -9.34 0.72
CA ASN A 7 2.55 -9.88 -0.31
C ASN A 7 2.08 -11.30 0.05
N PHE A 8 1.61 -12.03 -0.92
CA PHE A 8 1.13 -13.43 -0.66
C PHE A 8 -0.11 -13.41 0.24
N ASP A 9 -1.16 -12.76 -0.19
CA ASP A 9 -2.42 -12.70 0.62
C ASP A 9 -2.24 -11.82 1.87
N THR A 10 -1.13 -11.93 2.55
CA THR A 10 -0.92 -11.10 3.76
C THR A 10 0.47 -10.45 3.69
N CYS A 11 1.46 -11.04 4.31
CA CYS A 11 2.84 -10.45 4.26
C CYS A 11 3.88 -11.56 4.46
N ARG A 12 4.22 -12.26 3.42
CA ARG A 12 5.23 -13.34 3.55
C ARG A 12 6.60 -12.85 3.08
N ALA A 13 6.69 -11.62 2.65
CA ALA A 13 8.00 -11.09 2.19
C ALA A 13 8.71 -10.36 3.33
N GLY A 14 8.22 -9.23 3.72
CA GLY A 14 8.86 -8.47 4.83
C GLY A 14 9.93 -7.53 4.26
N GLU A 15 9.66 -6.93 3.13
CA GLU A 15 10.65 -6.01 2.50
C GLU A 15 10.28 -4.56 2.79
N LEU A 16 10.83 -3.98 3.82
CA LEU A 16 10.50 -2.56 4.14
C LEU A 16 11.60 -1.63 3.60
N LYS A 17 11.26 -0.39 3.35
CA LYS A 17 12.27 0.56 2.82
C LYS A 17 11.97 1.97 3.34
N VAL A 18 12.36 2.98 2.61
CA VAL A 18 12.09 4.37 3.06
C VAL A 18 11.80 5.27 1.88
N CYS A 19 10.83 6.14 1.99
CA CYS A 19 10.49 7.05 0.87
C CYS A 19 9.31 7.95 1.24
N ALA A 20 9.19 8.28 2.51
CA ALA A 20 8.06 9.14 2.93
C ALA A 20 8.59 10.43 3.58
N SER A 21 9.30 11.22 2.83
CA SER A 21 9.85 12.49 3.41
C SER A 21 10.58 13.29 2.32
N GLY A 22 9.86 14.08 1.56
CA GLY A 22 10.51 14.88 0.49
C GLY A 22 9.43 15.61 -0.31
N GLU A 23 8.30 15.00 -0.52
CA GLU A 23 7.22 15.67 -1.29
C GLU A 23 5.97 14.77 -1.33
N LYS A 24 6.16 13.51 -1.59
CA LYS A 24 4.98 12.59 -1.64
C LYS A 24 4.89 11.77 -0.36
N TYR A 25 4.25 10.63 -0.42
CA TYR A 25 4.13 9.78 0.81
C TYR A 25 4.02 8.31 0.42
N CYS A 26 3.77 7.45 1.37
CA CYS A 26 3.65 5.99 1.05
C CYS A 26 2.18 5.61 0.94
N PHE A 27 1.87 4.65 0.12
CA PHE A 27 0.44 4.25 -0.03
C PHE A 27 0.31 2.79 -0.47
N LYS A 28 -0.62 2.08 0.10
CA LYS A 28 -0.82 0.64 -0.27
C LYS A 28 -2.15 0.49 -1.00
N GLU A 29 -2.32 -0.55 -1.77
CA GLU A 29 -3.60 -0.73 -2.50
C GLU A 29 -3.94 -2.22 -2.63
N SER A 30 -5.13 -2.61 -2.24
CA SER A 30 -5.53 -4.04 -2.35
C SER A 30 -6.69 -4.19 -3.33
N TRP A 31 -6.60 -5.11 -4.25
CA TRP A 31 -7.70 -5.29 -5.24
C TRP A 31 -8.60 -6.47 -4.84
N ARG A 32 -9.88 -6.33 -4.96
CA ARG A 32 -10.80 -7.44 -4.59
C ARG A 32 -11.33 -8.12 -5.86
N GLU A 33 -10.99 -9.36 -6.06
CA GLU A 33 -11.48 -10.08 -7.27
C GLU A 33 -12.51 -11.14 -6.88
N ALA A 34 -13.36 -11.53 -7.80
CA ALA A 34 -14.40 -12.55 -7.48
C ALA A 34 -13.76 -13.94 -7.35
N ARG A 35 -12.51 -14.06 -7.70
CA ARG A 35 -11.83 -15.38 -7.59
C ARG A 35 -10.71 -15.34 -6.55
N GLY A 36 -10.51 -14.19 -5.95
CA GLY A 36 -9.44 -14.09 -4.92
C GLY A 36 -9.18 -12.61 -4.61
N THR A 37 -8.11 -12.32 -3.93
CA THR A 37 -7.80 -10.90 -3.59
C THR A 37 -6.31 -10.61 -3.78
N ARG A 38 -5.96 -9.41 -4.15
CA ARG A 38 -4.52 -9.08 -4.35
C ARG A 38 -4.13 -7.89 -3.46
N ILE A 39 -2.89 -7.80 -3.07
CA ILE A 39 -2.45 -6.67 -2.20
C ILE A 39 -1.07 -6.18 -2.64
N GLU A 40 -0.94 -4.91 -2.88
CA GLU A 40 0.39 -4.37 -3.31
C GLU A 40 0.67 -3.03 -2.60
N ARG A 41 1.91 -2.70 -2.42
CA ARG A 41 2.25 -1.41 -1.73
C ARG A 41 3.36 -0.69 -2.51
N GLY A 42 3.85 0.39 -1.97
CA GLY A 42 4.93 1.14 -2.67
C GLY A 42 5.01 2.57 -2.12
N CYS A 43 5.39 3.51 -2.94
CA CYS A 43 5.49 4.92 -2.46
C CYS A 43 5.07 5.89 -3.58
N ALA A 44 4.15 6.78 -3.30
CA ALA A 44 3.70 7.75 -4.34
C ALA A 44 3.04 8.96 -3.70
N ALA A 45 2.25 9.68 -4.44
CA ALA A 45 1.57 10.87 -3.87
C ALA A 45 0.15 11.00 -4.46
N THR A 46 -0.35 9.95 -5.04
CA THR A 46 -1.71 10.00 -5.64
C THR A 46 -2.75 9.44 -4.65
N CYS A 47 -2.53 8.27 -4.14
CA CYS A 47 -3.49 7.67 -3.19
C CYS A 47 -4.92 7.76 -3.74
N PRO A 48 -5.17 6.98 -4.75
CA PRO A 48 -6.50 6.97 -5.40
C PRO A 48 -7.53 6.28 -4.50
N LYS A 49 -8.74 6.13 -4.97
CA LYS A 49 -9.79 5.47 -4.14
C LYS A 49 -10.47 4.36 -4.94
N GLY A 50 -11.51 3.79 -4.41
CA GLY A 50 -12.23 2.71 -5.15
C GLY A 50 -13.65 2.56 -4.57
N SER A 51 -14.35 1.55 -4.99
CA SER A 51 -15.74 1.34 -4.47
C SER A 51 -16.42 0.20 -5.21
N VAL A 52 -16.85 0.42 -6.42
CA VAL A 52 -17.53 -0.66 -7.19
C VAL A 52 -16.61 -1.89 -7.29
N TYR A 53 -15.48 -1.75 -7.94
CA TYR A 53 -14.55 -2.90 -8.07
C TYR A 53 -14.33 -3.56 -6.71
N GLY A 54 -13.87 -2.81 -5.75
CA GLY A 54 -13.64 -3.40 -4.40
C GLY A 54 -12.13 -3.48 -4.13
N LEU A 55 -11.62 -2.61 -3.30
CA LEU A 55 -10.16 -2.64 -3.01
C LEU A 55 -9.85 -1.99 -1.66
N TYR A 56 -8.61 -1.93 -1.29
CA TYR A 56 -8.24 -1.29 0.01
C TYR A 56 -6.99 -0.43 -0.17
N VAL A 57 -7.17 0.86 -0.33
CA VAL A 57 -5.99 1.75 -0.51
C VAL A 57 -5.76 2.59 0.75
N LEU A 58 -4.53 2.91 1.04
CA LEU A 58 -4.24 3.73 2.26
C LEU A 58 -2.89 4.42 2.11
N CYS A 59 -2.85 5.71 2.29
CA CYS A 59 -1.54 6.44 2.16
C CYS A 59 -1.25 7.25 3.42
N CYS A 60 0.01 7.38 3.75
CA CYS A 60 0.38 8.17 4.96
C CYS A 60 1.79 8.75 4.79
N THR A 61 2.14 9.72 5.59
CA THR A 61 3.48 10.35 5.47
C THR A 61 4.09 10.54 6.87
N THR A 62 4.50 9.47 7.50
CA THR A 62 5.11 9.59 8.85
C THR A 62 5.88 8.32 9.21
N ASP A 63 5.19 7.26 9.52
CA ASP A 63 5.88 5.99 9.87
C ASP A 63 4.87 4.84 9.95
N ASP A 64 5.23 3.69 9.47
CA ASP A 64 4.29 2.53 9.51
C ASP A 64 3.00 2.84 8.72
N CYS A 65 2.13 3.70 9.21
CA CYS A 65 0.89 4.02 8.46
C CYS A 65 1.22 4.19 6.98
N ASN A 66 2.42 4.59 6.68
CA ASN A 66 2.82 4.78 5.27
C ASN A 66 2.29 3.63 4.41
N MET A 1 11.91 6.28 10.08
CA MET A 1 10.87 6.62 9.07
C MET A 1 11.05 5.76 7.82
N LYS A 2 10.24 4.74 7.66
CA LYS A 2 10.37 3.87 6.46
C LYS A 2 9.03 3.19 6.17
N CYS A 3 9.02 2.24 5.26
CA CYS A 3 7.75 1.54 4.93
C CYS A 3 8.02 0.06 4.65
N LYS A 4 7.49 -0.82 5.46
CA LYS A 4 7.72 -2.27 5.23
C LYS A 4 6.79 -2.79 4.14
N ILE A 5 7.32 -3.47 3.16
CA ILE A 5 6.47 -4.00 2.05
C ILE A 5 6.50 -5.52 2.04
N CYS A 6 5.36 -6.14 1.96
CA CYS A 6 5.32 -7.63 1.93
C CYS A 6 3.88 -8.11 1.70
N ASN A 7 3.15 -7.47 0.84
CA ASN A 7 1.74 -7.89 0.57
C ASN A 7 1.04 -8.26 1.88
N PHE A 8 0.38 -7.32 2.49
CA PHE A 8 -0.33 -7.63 3.77
C PHE A 8 -1.10 -8.95 3.65
N ASP A 9 -1.51 -9.50 4.76
CA ASP A 9 -2.27 -10.79 4.72
C ASP A 9 -1.33 -11.94 4.35
N THR A 10 -0.07 -11.66 4.18
CA THR A 10 0.90 -12.73 3.81
C THR A 10 2.28 -12.12 3.56
N CYS A 11 2.94 -11.68 4.58
CA CYS A 11 4.29 -11.06 4.41
C CYS A 11 5.39 -12.12 4.50
N ARG A 12 6.04 -12.41 3.40
CA ARG A 12 7.12 -13.43 3.42
C ARG A 12 8.43 -12.80 2.95
N ALA A 13 8.36 -11.62 2.39
CA ALA A 13 9.60 -10.95 1.92
C ALA A 13 10.10 -9.95 2.98
N GLY A 14 9.29 -9.00 3.33
CA GLY A 14 9.71 -8.00 4.36
C GLY A 14 10.60 -6.94 3.71
N GLU A 15 10.26 -6.50 2.53
CA GLU A 15 11.09 -5.47 1.84
C GLU A 15 10.67 -4.07 2.29
N LEU A 16 11.38 -3.49 3.21
CA LEU A 16 11.02 -2.13 3.69
C LEU A 16 11.87 -1.07 2.98
N LYS A 17 11.40 0.15 2.93
CA LYS A 17 12.18 1.22 2.26
C LYS A 17 11.74 2.59 2.80
N VAL A 18 11.67 3.58 1.95
CA VAL A 18 11.25 4.93 2.43
C VAL A 18 10.42 5.64 1.35
N CYS A 19 9.67 6.63 1.73
CA CYS A 19 8.84 7.37 0.74
C CYS A 19 8.44 8.74 1.26
N ALA A 20 8.16 8.83 2.54
CA ALA A 20 7.78 10.16 3.12
C ALA A 20 8.92 11.16 2.96
N SER A 21 9.14 11.65 1.77
CA SER A 21 10.24 12.64 1.57
C SER A 21 9.73 14.05 1.81
N GLY A 22 8.61 14.19 2.47
CA GLY A 22 8.06 15.55 2.73
C GLY A 22 6.79 15.76 1.90
N GLU A 23 6.56 14.91 0.93
CA GLU A 23 5.35 15.06 0.08
C GLU A 23 4.97 13.71 -0.54
N LYS A 24 5.41 12.63 0.05
CA LYS A 24 5.08 11.30 -0.52
C LYS A 24 4.68 10.34 0.61
N TYR A 25 4.06 9.24 0.27
CA TYR A 25 3.63 8.26 1.33
C TYR A 25 3.46 6.88 0.71
N CYS A 26 3.18 5.88 1.51
CA CYS A 26 3.01 4.51 0.96
C CYS A 26 1.56 4.29 0.53
N PHE A 27 1.36 3.76 -0.64
CA PHE A 27 -0.04 3.53 -1.13
C PHE A 27 -0.35 2.02 -1.12
N LYS A 28 -1.41 1.64 -0.47
CA LYS A 28 -1.78 0.19 -0.43
C LYS A 28 -3.00 -0.07 -1.32
N GLU A 29 -2.82 -0.82 -2.38
CA GLU A 29 -3.97 -1.11 -3.28
C GLU A 29 -4.38 -2.57 -3.16
N SER A 30 -5.58 -2.84 -2.76
CA SER A 30 -6.04 -4.26 -2.62
C SER A 30 -7.15 -4.56 -3.63
N TRP A 31 -6.91 -5.50 -4.51
CA TRP A 31 -7.94 -5.86 -5.52
C TRP A 31 -8.95 -6.83 -4.91
N ARG A 32 -10.21 -6.50 -4.97
CA ARG A 32 -11.25 -7.42 -4.38
C ARG A 32 -12.26 -7.83 -5.45
N GLU A 33 -12.34 -9.10 -5.75
CA GLU A 33 -13.31 -9.58 -6.77
C GLU A 33 -13.63 -11.06 -6.54
N ALA A 34 -14.63 -11.57 -7.22
CA ALA A 34 -14.98 -13.00 -7.04
C ALA A 34 -13.90 -13.90 -7.65
N ARG A 35 -12.92 -13.31 -8.29
CA ARG A 35 -11.84 -14.13 -8.91
C ARG A 35 -10.67 -14.28 -7.93
N GLY A 36 -10.77 -13.67 -6.79
CA GLY A 36 -9.66 -13.78 -5.79
C GLY A 36 -9.30 -12.38 -5.27
N THR A 37 -8.73 -12.30 -4.10
CA THR A 37 -8.36 -10.96 -3.55
C THR A 37 -6.85 -10.76 -3.64
N ARG A 38 -6.41 -9.53 -3.66
CA ARG A 38 -4.94 -9.26 -3.76
C ARG A 38 -4.60 -7.96 -3.02
N ILE A 39 -3.40 -7.86 -2.50
CA ILE A 39 -3.00 -6.62 -1.77
C ILE A 39 -1.56 -6.26 -2.10
N GLU A 40 -1.34 -5.07 -2.59
CA GLU A 40 0.06 -4.64 -2.92
C GLU A 40 0.36 -3.27 -2.32
N ARG A 41 1.62 -2.97 -2.13
CA ARG A 41 1.97 -1.64 -1.55
C ARG A 41 3.13 -1.01 -2.35
N GLY A 42 3.77 -0.02 -1.79
CA GLY A 42 4.90 0.63 -2.50
C GLY A 42 4.89 2.13 -2.21
N CYS A 43 5.88 2.84 -2.68
CA CYS A 43 5.93 4.32 -2.44
C CYS A 43 5.20 5.07 -3.55
N ALA A 44 4.41 6.05 -3.21
CA ALA A 44 3.68 6.81 -4.26
C ALA A 44 3.23 8.17 -3.72
N ALA A 45 2.70 9.00 -4.56
CA ALA A 45 2.24 10.35 -4.10
C ALA A 45 0.82 10.60 -4.58
N THR A 46 0.24 9.69 -5.31
CA THR A 46 -1.15 9.88 -5.81
C THR A 46 -2.10 8.92 -5.10
N CYS A 47 -3.12 9.43 -4.47
CA CYS A 47 -4.07 8.54 -3.75
C CYS A 47 -5.40 8.48 -4.51
N PRO A 48 -5.55 7.42 -5.26
CA PRO A 48 -6.80 7.22 -6.05
C PRO A 48 -7.96 6.83 -5.12
N LYS A 49 -9.00 6.27 -5.69
CA LYS A 49 -10.16 5.86 -4.84
C LYS A 49 -10.46 4.37 -5.04
N GLY A 50 -10.81 3.99 -6.23
CA GLY A 50 -11.10 2.55 -6.49
C GLY A 50 -12.37 2.43 -7.34
N SER A 51 -13.12 1.37 -7.18
CA SER A 51 -14.37 1.21 -7.97
C SER A 51 -15.47 0.63 -7.09
N VAL A 52 -16.02 1.43 -6.21
CA VAL A 52 -17.10 0.93 -5.31
C VAL A 52 -16.58 -0.20 -4.42
N TYR A 53 -16.29 -1.33 -4.99
CA TYR A 53 -15.76 -2.47 -4.17
C TYR A 53 -14.82 -3.34 -5.01
N GLY A 54 -13.80 -2.75 -5.57
CA GLY A 54 -12.84 -3.53 -6.40
C GLY A 54 -11.41 -3.09 -6.10
N LEU A 55 -11.19 -1.81 -5.96
CA LEU A 55 -9.81 -1.33 -5.69
C LEU A 55 -9.75 -0.67 -4.30
N TYR A 56 -9.27 -1.37 -3.32
CA TYR A 56 -9.17 -0.78 -1.95
C TYR A 56 -7.85 -0.05 -1.79
N VAL A 57 -7.82 1.22 -2.08
CA VAL A 57 -6.55 1.99 -1.94
C VAL A 57 -6.43 2.58 -0.52
N LEU A 58 -5.24 2.60 0.01
CA LEU A 58 -5.06 3.16 1.38
C LEU A 58 -3.66 3.80 1.52
N CYS A 59 -3.61 5.11 1.61
CA CYS A 59 -2.30 5.79 1.74
C CYS A 59 -1.86 5.83 3.21
N CYS A 60 -0.58 5.85 3.46
CA CYS A 60 -0.10 5.88 4.87
C CYS A 60 1.22 6.67 4.97
N THR A 61 1.50 7.23 6.12
CA THR A 61 2.76 8.00 6.29
C THR A 61 3.26 7.88 7.74
N THR A 62 4.53 8.12 7.95
CA THR A 62 5.10 8.04 9.33
C THR A 62 4.98 6.61 9.90
N ASP A 63 5.94 6.22 10.72
CA ASP A 63 5.91 4.86 11.34
C ASP A 63 5.37 3.81 10.36
N ASP A 64 6.24 3.08 9.71
CA ASP A 64 5.76 2.04 8.74
C ASP A 64 4.92 2.68 7.64
N CYS A 65 3.71 3.08 7.95
CA CYS A 65 2.84 3.73 6.93
C CYS A 65 3.67 4.68 6.05
N ASN A 66 4.76 5.19 6.56
CA ASN A 66 5.62 6.12 5.77
C ASN A 66 5.66 5.69 4.30
N MET A 1 12.20 6.64 10.31
CA MET A 1 11.07 6.89 9.37
C MET A 1 11.20 6.01 8.12
N LYS A 2 10.56 4.88 8.11
CA LYS A 2 10.66 3.98 6.93
C LYS A 2 9.28 3.43 6.57
N CYS A 3 9.19 2.59 5.58
CA CYS A 3 7.86 2.02 5.19
C CYS A 3 7.97 0.51 5.02
N LYS A 4 7.29 -0.24 5.85
CA LYS A 4 7.35 -1.72 5.74
C LYS A 4 6.41 -2.20 4.62
N ILE A 5 6.91 -2.99 3.70
CA ILE A 5 6.05 -3.49 2.59
C ILE A 5 5.82 -5.00 2.72
N CYS A 6 4.60 -5.43 2.66
CA CYS A 6 4.30 -6.88 2.77
C CYS A 6 2.89 -7.18 2.27
N ASN A 7 2.76 -7.86 1.17
CA ASN A 7 1.42 -8.18 0.63
C ASN A 7 0.49 -8.65 1.75
N PHE A 8 -0.79 -8.44 1.61
CA PHE A 8 -1.74 -8.86 2.68
C PHE A 8 -2.26 -10.28 2.38
N ASP A 9 -2.65 -10.99 3.40
CA ASP A 9 -3.16 -12.38 3.18
C ASP A 9 -2.04 -13.29 2.67
N THR A 10 -0.83 -12.81 2.66
CA THR A 10 0.30 -13.64 2.18
C THR A 10 1.63 -12.89 2.32
N CYS A 11 1.86 -12.32 3.47
CA CYS A 11 3.14 -11.57 3.68
C CYS A 11 4.32 -12.37 3.11
N ARG A 12 4.74 -12.07 1.92
CA ARG A 12 5.88 -12.81 1.32
C ARG A 12 7.09 -11.89 1.15
N ALA A 13 6.87 -10.60 1.19
CA ALA A 13 8.00 -9.64 1.03
C ALA A 13 8.44 -9.11 2.39
N GLY A 14 7.60 -8.33 3.03
CA GLY A 14 7.98 -7.78 4.37
C GLY A 14 9.26 -6.95 4.23
N GLU A 15 9.39 -6.21 3.18
CA GLU A 15 10.62 -5.38 2.99
C GLU A 15 10.34 -3.93 3.38
N LEU A 16 11.06 -3.42 4.35
CA LEU A 16 10.84 -2.00 4.77
C LEU A 16 11.90 -1.09 4.15
N LYS A 17 11.53 0.09 3.76
CA LYS A 17 12.52 1.03 3.15
C LYS A 17 12.15 2.47 3.50
N VAL A 18 12.28 3.37 2.56
CA VAL A 18 11.93 4.80 2.84
C VAL A 18 10.97 5.32 1.79
N CYS A 19 10.34 6.44 2.05
CA CYS A 19 9.38 7.01 1.06
C CYS A 19 8.64 8.21 1.66
N ALA A 20 7.92 7.99 2.73
CA ALA A 20 7.18 9.13 3.35
C ALA A 20 8.16 10.13 3.97
N SER A 21 8.78 10.94 3.18
CA SER A 21 9.75 11.94 3.72
C SER A 21 9.06 13.29 3.91
N GLY A 22 8.05 13.57 3.12
CA GLY A 22 7.35 14.87 3.25
C GLY A 22 6.75 15.27 1.90
N GLU A 23 7.27 14.74 0.83
CA GLU A 23 6.73 15.08 -0.51
C GLU A 23 5.75 14.01 -0.97
N LYS A 24 6.14 12.76 -0.95
CA LYS A 24 5.22 11.67 -1.38
C LYS A 24 4.94 10.73 -0.22
N TYR A 25 4.10 9.75 -0.42
CA TYR A 25 3.78 8.79 0.67
C TYR A 25 3.74 7.36 0.14
N CYS A 26 3.71 6.38 1.01
CA CYS A 26 3.66 4.97 0.54
C CYS A 26 2.31 4.67 -0.11
N PHE A 27 2.27 3.75 -1.02
CA PHE A 27 0.97 3.43 -1.69
C PHE A 27 0.66 1.93 -1.56
N LYS A 28 -0.42 1.60 -0.92
CA LYS A 28 -0.80 0.17 -0.76
C LYS A 28 -2.12 -0.10 -1.49
N GLU A 29 -2.23 -1.22 -2.16
CA GLU A 29 -3.49 -1.53 -2.90
C GLU A 29 -4.04 -2.90 -2.48
N SER A 30 -5.32 -3.10 -2.66
CA SER A 30 -5.94 -4.40 -2.29
C SER A 30 -7.13 -4.69 -3.20
N TRP A 31 -6.90 -5.40 -4.27
CA TRP A 31 -8.01 -5.72 -5.21
C TRP A 31 -8.85 -6.88 -4.68
N ARG A 32 -10.10 -6.63 -4.38
CA ARG A 32 -10.97 -7.72 -3.86
C ARG A 32 -11.78 -8.34 -5.00
N GLU A 33 -11.43 -9.53 -5.42
CA GLU A 33 -12.18 -10.18 -6.53
C GLU A 33 -12.81 -11.48 -6.05
N ALA A 34 -13.80 -11.96 -6.76
CA ALA A 34 -14.46 -13.24 -6.36
C ALA A 34 -13.48 -14.39 -6.46
N ARG A 35 -12.57 -14.34 -7.40
CA ARG A 35 -11.57 -15.44 -7.54
C ARG A 35 -10.56 -15.39 -6.39
N GLY A 36 -10.24 -14.21 -5.93
CA GLY A 36 -9.27 -14.10 -4.80
C GLY A 36 -8.96 -12.62 -4.55
N THR A 37 -7.99 -12.34 -3.71
CA THR A 37 -7.64 -10.92 -3.43
C THR A 37 -6.17 -10.66 -3.77
N ARG A 38 -5.86 -9.49 -4.24
CA ARG A 38 -4.44 -9.18 -4.59
C ARG A 38 -4.04 -7.82 -4.03
N ILE A 39 -3.11 -7.80 -3.10
CA ILE A 39 -2.68 -6.50 -2.51
C ILE A 39 -1.35 -6.05 -3.12
N GLU A 40 -1.19 -4.78 -3.37
CA GLU A 40 0.09 -4.28 -3.95
C GLU A 40 0.73 -3.26 -3.02
N ARG A 41 1.90 -2.78 -3.35
CA ARG A 41 2.58 -1.78 -2.48
C ARG A 41 3.56 -0.94 -3.30
N GLY A 42 4.12 0.09 -2.71
CA GLY A 42 5.06 0.96 -3.45
C GLY A 42 4.91 2.40 -3.01
N CYS A 43 5.49 3.33 -3.71
CA CYS A 43 5.37 4.77 -3.32
C CYS A 43 4.46 5.50 -4.31
N ALA A 44 3.86 6.58 -3.87
CA ALA A 44 2.96 7.34 -4.78
C ALA A 44 2.77 8.78 -4.27
N ALA A 45 2.16 9.62 -5.05
CA ALA A 45 1.94 11.03 -4.60
C ALA A 45 0.53 11.49 -4.97
N THR A 46 -0.30 10.59 -5.41
CA THR A 46 -1.69 10.97 -5.79
C THR A 46 -2.69 10.37 -4.80
N CYS A 47 -2.41 9.21 -4.30
CA CYS A 47 -3.34 8.56 -3.32
C CYS A 47 -4.75 8.47 -3.91
N PRO A 48 -4.89 7.62 -4.90
CA PRO A 48 -6.21 7.44 -5.56
C PRO A 48 -7.15 6.63 -4.65
N LYS A 49 -8.37 6.43 -5.07
CA LYS A 49 -9.33 5.67 -4.24
C LYS A 49 -9.71 4.36 -4.93
N GLY A 50 -10.62 3.61 -4.34
CA GLY A 50 -11.04 2.33 -4.96
C GLY A 50 -12.43 2.49 -5.57
N SER A 51 -13.17 1.42 -5.68
CA SER A 51 -14.54 1.51 -6.28
C SER A 51 -15.53 0.70 -5.44
N VAL A 52 -15.91 1.19 -4.29
CA VAL A 52 -16.86 0.45 -3.42
C VAL A 52 -16.24 -0.87 -2.96
N TYR A 53 -16.04 -1.79 -3.87
CA TYR A 53 -15.44 -3.10 -3.48
C TYR A 53 -14.72 -3.73 -4.68
N GLY A 54 -13.78 -3.02 -5.26
CA GLY A 54 -13.05 -3.57 -6.43
C GLY A 54 -11.54 -3.38 -6.22
N LEU A 55 -11.11 -2.17 -5.99
CA LEU A 55 -9.66 -1.92 -5.79
C LEU A 55 -9.43 -1.00 -4.58
N TYR A 56 -9.11 -1.56 -3.45
CA TYR A 56 -8.89 -0.72 -2.25
C TYR A 56 -7.47 -0.14 -2.26
N VAL A 57 -7.34 1.11 -2.62
CA VAL A 57 -5.98 1.73 -2.65
C VAL A 57 -5.87 2.84 -1.61
N LEU A 58 -4.74 2.97 -0.96
CA LEU A 58 -4.57 4.02 0.07
C LEU A 58 -3.10 4.45 0.15
N CYS A 59 -2.84 5.59 0.74
CA CYS A 59 -1.43 6.07 0.85
C CYS A 59 -1.10 6.38 2.32
N CYS A 60 0.11 6.12 2.73
CA CYS A 60 0.48 6.40 4.15
C CYS A 60 1.65 7.38 4.22
N THR A 61 1.76 8.08 5.32
CA THR A 61 2.89 9.05 5.47
C THR A 61 3.26 9.18 6.95
N THR A 62 3.36 8.08 7.64
CA THR A 62 3.72 8.13 9.10
C THR A 62 4.60 6.94 9.47
N ASP A 63 4.73 6.66 10.74
CA ASP A 63 5.58 5.51 11.16
C ASP A 63 5.09 4.21 10.51
N ASP A 64 6.00 3.35 10.13
CA ASP A 64 5.59 2.06 9.50
C ASP A 64 4.86 2.31 8.16
N CYS A 65 3.64 2.78 8.20
CA CYS A 65 2.91 3.04 6.93
C CYS A 65 3.62 4.14 6.13
N ASN A 66 4.54 4.84 6.76
CA ASN A 66 5.29 5.95 6.08
C ASN A 66 5.30 5.79 4.56
#